data_7WM6
#
_entry.id   7WM6
#
_cell.length_a   74.390
_cell.length_b   75.890
_cell.length_c   95.540
_cell.angle_alpha   90.000
_cell.angle_beta   95.180
_cell.angle_gamma   90.000
#
_symmetry.space_group_name_H-M   'P 1 21 1'
#
loop_
_entity.id
_entity.type
_entity.pdbx_description
1 polymer Methyltransferase
2 non-polymer S-ADENOSYL-L-HOMOCYSTEINE
3 non-polymer 'SULFATE ION'
4 water water
#
_entity_poly.entity_id   1
_entity_poly.type   'polypeptide(L)'
_entity_poly.pdbx_seq_one_letter_code
;MKVLNDLLGYKNRKLYQDNKMFNFTLDSVLVARFCNLNSKKKKICDFGTNNAVIPLILSKYTKAKIIGVEIQNKAVEIAN
ENIKLNGLEDQIEIVHADIKEFSKLHNQEFDLVVCNPPFFKMDGNPKLKEISLEVANARHEILITLEDIIKSASRCLKNK
GNFTIVHRSERLSEIINLFYKYNIYPKRLRLIQSKKTDNAKMILLDGIYQGNEGMEILPTLITHNDDETYTDELLKYFHD
GHHHHHHG
;
_entity_poly.pdbx_strand_id   A,B,C,D
#
# COMPACT_ATOMS: atom_id res chain seq x y z
N MET A 1 6.75 46.30 -18.22
CA MET A 1 5.89 46.93 -17.22
C MET A 1 5.70 46.02 -16.01
N LYS A 2 5.95 46.54 -14.81
CA LYS A 2 5.86 45.74 -13.61
C LYS A 2 4.44 45.75 -13.02
N VAL A 3 4.05 44.62 -12.47
CA VAL A 3 2.77 44.47 -11.80
C VAL A 3 3.03 43.75 -10.48
N LEU A 4 2.36 44.20 -9.43
CA LEU A 4 2.49 43.56 -8.12
C LEU A 4 1.40 42.52 -7.96
N ASN A 5 1.78 41.34 -7.48
CA ASN A 5 0.80 40.28 -7.27
C ASN A 5 1.25 39.41 -6.11
N ASP A 6 0.27 38.73 -5.50
CA ASP A 6 0.57 37.81 -4.41
C ASP A 6 1.25 36.57 -4.95
N LEU A 7 2.19 36.04 -4.15
CA LEU A 7 2.90 34.80 -4.49
C LEU A 7 2.02 33.63 -4.06
N LEU A 8 1.06 33.30 -4.93
CA LEU A 8 0.02 32.31 -4.65
C LEU A 8 -0.48 32.54 -3.23
N GLY A 9 -0.75 31.48 -2.47
CA GLY A 9 -1.29 31.67 -1.14
C GLY A 9 -0.26 31.64 -0.03
N TYR A 10 0.98 31.97 -0.33
CA TYR A 10 2.01 32.06 0.69
C TYR A 10 1.84 33.37 1.43
N LYS A 11 1.67 33.30 2.75
CA LYS A 11 1.30 34.47 3.51
C LYS A 11 2.48 35.41 3.67
N ASN A 12 2.20 36.72 3.61
CA ASN A 12 3.25 37.75 3.67
C ASN A 12 4.25 37.57 2.54
N ARG A 13 3.75 37.33 1.32
CA ARG A 13 4.60 37.18 0.15
C ARG A 13 3.94 37.83 -1.05
N LYS A 14 4.59 38.85 -1.59
CA LYS A 14 4.19 39.54 -2.81
C LYS A 14 5.43 39.72 -3.64
N LEU A 15 5.26 39.94 -4.95
CA LEU A 15 6.41 40.12 -5.83
C LEU A 15 5.98 40.82 -7.10
N TYR A 16 6.83 41.75 -7.57
CA TYR A 16 6.67 42.35 -8.89
C TYR A 16 7.14 41.38 -9.96
N GLN A 17 6.49 41.45 -11.13
CA GLN A 17 6.89 40.70 -12.32
C GLN A 17 6.59 41.55 -13.56
N ASP A 18 7.53 41.56 -14.49
CA ASP A 18 7.48 42.36 -15.71
C ASP A 18 6.89 41.54 -16.84
N ASN A 19 6.04 42.17 -17.67
CA ASN A 19 5.37 41.43 -18.72
C ASN A 19 6.32 41.04 -19.85
N LYS A 20 7.40 41.79 -20.06
CA LYS A 20 8.34 41.46 -21.12
C LYS A 20 9.56 40.69 -20.61
N MET A 21 9.52 40.19 -19.38
CA MET A 21 10.46 39.21 -18.86
C MET A 21 9.73 37.92 -18.50
N PHE A 22 10.51 36.94 -18.04
CA PHE A 22 9.97 35.65 -17.62
C PHE A 22 9.16 35.82 -16.34
N ASN A 23 7.96 35.23 -16.33
CA ASN A 23 7.08 35.16 -15.17
C ASN A 23 7.08 33.74 -14.60
N PHE A 24 7.01 33.63 -13.27
CA PHE A 24 7.24 32.33 -12.64
C PHE A 24 6.15 31.34 -13.04
N THR A 25 6.46 30.06 -12.87
CA THR A 25 5.58 28.99 -13.34
C THR A 25 5.37 27.96 -12.23
N LEU A 26 4.49 26.99 -12.48
CA LEU A 26 4.38 25.88 -11.54
C LEU A 26 5.76 25.28 -11.26
N ASP A 27 6.62 25.17 -12.29
CA ASP A 27 7.97 24.62 -12.12
C ASP A 27 8.74 25.35 -11.03
N SER A 28 8.65 26.68 -11.00
CA SER A 28 9.38 27.44 -9.99
C SER A 28 8.90 27.06 -8.60
N VAL A 29 7.58 27.00 -8.43
CA VAL A 29 7.01 26.70 -7.12
C VAL A 29 7.41 25.30 -6.67
N LEU A 30 7.30 24.29 -7.57
CA LEU A 30 7.58 22.91 -7.16
C LEU A 30 9.04 22.67 -6.88
N VAL A 31 9.94 23.41 -7.53
CA VAL A 31 11.33 23.09 -7.27
C VAL A 31 11.73 23.72 -5.95
N ALA A 32 11.07 24.83 -5.57
CA ALA A 32 11.31 25.41 -4.26
C ALA A 32 10.83 24.50 -3.15
N ARG A 33 9.61 23.97 -3.29
CA ARG A 33 9.06 23.09 -2.27
C ARG A 33 9.73 21.71 -2.26
N PHE A 34 10.36 21.30 -3.38
CA PHE A 34 10.99 20.00 -3.45
C PHE A 34 12.35 20.00 -2.77
N CYS A 35 12.93 21.17 -2.56
CA CYS A 35 14.19 21.28 -1.84
C CYS A 35 14.10 20.66 -0.45
N ASN A 36 15.15 19.97 -0.05
CA ASN A 36 15.27 19.58 1.35
C ASN A 36 15.87 20.74 2.12
N LEU A 37 15.13 21.23 3.12
CA LEU A 37 15.57 22.36 3.92
C LEU A 37 15.81 21.97 5.38
N ASN A 38 16.68 20.99 5.61
CA ASN A 38 17.04 20.61 6.97
C ASN A 38 18.00 21.63 7.58
N SER A 39 18.26 21.47 8.87
CA SER A 39 19.01 22.48 9.60
C SER A 39 20.46 22.57 9.17
N LYS A 40 20.98 21.60 8.41
CA LYS A 40 22.38 21.70 7.99
C LYS A 40 22.56 22.71 6.88
N LYS A 41 21.58 22.86 6.00
CA LYS A 41 21.67 23.85 4.94
C LYS A 41 21.75 25.24 5.56
N LYS A 42 22.95 25.82 5.61
CA LYS A 42 23.09 27.16 6.17
C LYS A 42 23.26 28.21 5.09
N LYS A 43 23.84 27.87 3.93
CA LYS A 43 23.93 28.78 2.81
C LYS A 43 23.34 28.14 1.56
N ILE A 44 22.54 28.90 0.83
CA ILE A 44 21.78 28.41 -0.31
C ILE A 44 22.09 29.32 -1.50
N CYS A 45 21.93 28.78 -2.71
CA CYS A 45 22.19 29.56 -3.91
C CYS A 45 21.19 29.21 -4.99
N ASP A 46 20.52 30.22 -5.56
CA ASP A 46 19.57 30.01 -6.65
C ASP A 46 20.25 30.43 -7.95
N PHE A 47 20.42 29.47 -8.86
CA PHE A 47 20.97 29.73 -10.19
C PHE A 47 19.92 30.31 -11.12
N GLY A 48 20.15 31.54 -11.60
CA GLY A 48 19.19 32.19 -12.48
C GLY A 48 17.90 32.59 -11.78
N THR A 49 17.97 33.51 -10.82
CA THR A 49 16.83 33.67 -9.92
C THR A 49 15.73 34.58 -10.45
N ASN A 50 15.96 35.36 -11.49
CA ASN A 50 14.93 36.22 -12.10
C ASN A 50 14.42 37.17 -11.02
N ASN A 51 13.12 37.27 -10.81
CA ASN A 51 12.51 38.09 -9.83
C ASN A 51 12.59 37.53 -8.42
N ALA A 52 13.32 36.42 -8.25
CA ALA A 52 13.64 35.85 -6.93
C ALA A 52 12.43 35.15 -6.28
N VAL A 53 11.57 34.54 -7.10
CA VAL A 53 10.44 33.78 -6.57
C VAL A 53 10.91 32.57 -5.75
N ILE A 54 11.97 31.89 -6.19
CA ILE A 54 12.44 30.72 -5.44
C ILE A 54 12.93 31.14 -4.06
N PRO A 55 13.86 32.10 -3.90
CA PRO A 55 14.21 32.53 -2.54
C PRO A 55 13.01 32.96 -1.72
N LEU A 56 12.05 33.64 -2.34
CA LEU A 56 10.92 34.14 -1.58
C LEU A 56 10.14 32.99 -0.96
N ILE A 57 10.14 31.83 -1.59
CA ILE A 57 9.42 30.68 -1.05
C ILE A 57 10.28 29.88 -0.08
N LEU A 58 11.57 29.71 -0.42
CA LEU A 58 12.47 28.99 0.49
C LEU A 58 12.50 29.66 1.86
N SER A 59 12.44 31.00 1.88
CA SER A 59 12.57 31.78 3.12
C SER A 59 11.47 31.48 4.12
N LYS A 60 10.31 31.05 3.65
CA LYS A 60 9.22 30.65 4.55
C LYS A 60 9.52 29.39 5.33
N TYR A 61 10.68 28.76 5.13
CA TYR A 61 10.93 27.44 5.71
C TYR A 61 12.29 27.30 6.36
N THR A 62 13.17 28.30 6.25
CA THR A 62 14.52 28.22 6.79
C THR A 62 15.02 29.64 6.97
N LYS A 63 15.99 29.78 7.87
CA LYS A 63 16.62 31.07 8.10
C LYS A 63 17.99 31.15 7.42
N ALA A 64 18.32 30.20 6.56
CA ALA A 64 19.63 30.21 5.91
C ALA A 64 19.82 31.45 5.03
N LYS A 65 21.06 31.91 4.96
CA LYS A 65 21.43 32.93 3.98
C LYS A 65 21.22 32.39 2.58
N ILE A 66 20.47 33.12 1.76
CA ILE A 66 20.13 32.73 0.40
C ILE A 66 20.75 33.72 -0.55
N ILE A 67 21.60 33.25 -1.47
CA ILE A 67 22.17 34.08 -2.52
C ILE A 67 21.45 33.74 -3.82
N GLY A 68 20.99 34.76 -4.54
CA GLY A 68 20.43 34.60 -5.87
C GLY A 68 21.36 35.19 -6.91
N VAL A 69 21.71 34.35 -7.89
CA VAL A 69 22.60 34.74 -9.00
C VAL A 69 21.75 34.90 -10.25
N GLU A 70 21.93 36.01 -10.97
CA GLU A 70 21.13 36.31 -12.15
C GLU A 70 21.95 37.20 -13.08
N ILE A 71 21.73 37.04 -14.39
CA ILE A 71 22.62 37.61 -15.37
C ILE A 71 21.97 38.83 -16.04
N GLN A 72 20.66 38.82 -16.21
CA GLN A 72 19.96 39.88 -16.93
C GLN A 72 19.68 41.00 -15.93
N ASN A 73 20.24 42.19 -16.20
CA ASN A 73 20.28 43.23 -15.19
C ASN A 73 18.90 43.75 -14.85
N LYS A 74 17.99 43.79 -15.83
CA LYS A 74 16.62 44.19 -15.53
C LYS A 74 15.99 43.30 -14.46
N ALA A 75 16.38 42.01 -14.43
CA ALA A 75 15.83 41.09 -13.44
C ALA A 75 16.46 41.29 -12.06
N VAL A 76 17.75 41.60 -12.02
CA VAL A 76 18.36 41.90 -10.72
C VAL A 76 17.64 43.06 -10.05
N GLU A 77 17.30 44.08 -10.84
CA GLU A 77 16.59 45.22 -10.26
C GLU A 77 15.24 44.79 -9.71
N ILE A 78 14.48 44.00 -10.49
CA ILE A 78 13.20 43.50 -9.99
C ILE A 78 13.42 42.60 -8.79
N ALA A 79 14.41 41.70 -8.85
CA ALA A 79 14.71 40.86 -7.71
C ALA A 79 14.93 41.70 -6.44
N ASN A 80 15.81 42.71 -6.53
CA ASN A 80 16.14 43.49 -5.34
C ASN A 80 14.94 44.24 -4.80
N GLU A 81 14.01 44.62 -5.68
CA GLU A 81 12.76 45.22 -5.24
C GLU A 81 11.92 44.22 -4.44
N ASN A 82 11.85 42.97 -4.90
CA ASN A 82 11.02 42.00 -4.20
C ASN A 82 11.59 41.63 -2.84
N ILE A 83 12.92 41.58 -2.72
CA ILE A 83 13.49 41.25 -1.42
C ILE A 83 13.24 42.39 -0.42
N LYS A 84 13.41 43.64 -0.86
CA LYS A 84 13.12 44.77 0.02
C LYS A 84 11.64 44.81 0.37
N LEU A 85 10.79 44.58 -0.62
CA LEU A 85 9.36 44.72 -0.43
C LEU A 85 8.86 43.79 0.66
N ASN A 86 9.39 42.56 0.69
CA ASN A 86 9.09 41.56 1.70
C ASN A 86 10.03 41.63 2.89
N GLY A 87 10.91 42.63 2.93
CA GLY A 87 11.75 42.83 4.10
C GLY A 87 12.75 41.73 4.36
N LEU A 88 13.30 41.14 3.31
CA LEU A 88 14.16 39.98 3.48
C LEU A 88 15.61 40.31 3.31
N GLU A 89 15.94 41.61 3.23
CA GLU A 89 17.30 42.05 2.95
C GLU A 89 18.32 41.32 3.82
N ASP A 90 17.97 41.07 5.08
CA ASP A 90 18.91 40.41 5.98
C ASP A 90 19.27 39.00 5.52
N GLN A 91 18.29 38.28 4.94
CA GLN A 91 18.46 36.87 4.59
C GLN A 91 18.94 36.67 3.15
N ILE A 92 18.32 37.35 2.19
CA ILE A 92 18.48 37.07 0.78
C ILE A 92 19.33 38.18 0.14
N GLU A 93 20.26 37.79 -0.73
CA GLU A 93 21.08 38.76 -1.45
C GLU A 93 21.08 38.41 -2.93
N ILE A 94 21.11 39.43 -3.76
CA ILE A 94 21.10 39.25 -5.21
C ILE A 94 22.46 39.71 -5.72
N VAL A 95 23.03 38.94 -6.64
CA VAL A 95 24.33 39.20 -7.23
C VAL A 95 24.16 39.12 -8.73
N HIS A 96 24.54 40.18 -9.44
CA HIS A 96 24.48 40.23 -10.91
C HIS A 96 25.74 39.55 -11.44
N ALA A 97 25.61 38.30 -11.87
CA ALA A 97 26.78 37.52 -12.25
C ALA A 97 26.40 36.45 -13.25
N ASP A 98 27.41 35.96 -13.96
CA ASP A 98 27.32 34.70 -14.70
C ASP A 98 27.45 33.55 -13.74
N ILE A 99 26.58 32.55 -13.89
CA ILE A 99 26.65 31.32 -13.09
C ILE A 99 28.05 30.69 -13.13
N LYS A 100 28.61 30.47 -14.32
CA LYS A 100 29.95 29.89 -14.42
C LYS A 100 30.97 30.66 -13.60
N GLU A 101 31.23 31.93 -13.99
CA GLU A 101 32.24 32.75 -13.31
C GLU A 101 31.94 32.97 -11.83
N PHE A 102 30.67 33.04 -11.45
CA PHE A 102 30.35 33.12 -10.03
C PHE A 102 30.80 31.86 -9.31
N SER A 103 30.54 30.71 -9.90
CA SER A 103 30.92 29.45 -9.29
C SER A 103 32.44 29.32 -9.18
N LYS A 104 33.19 29.78 -10.21
CA LYS A 104 34.65 29.74 -10.13
C LYS A 104 35.18 30.63 -9.01
N LEU A 105 34.44 31.67 -8.64
CA LEU A 105 34.90 32.65 -7.67
C LEU A 105 34.41 32.34 -6.26
N HIS A 106 33.44 31.46 -6.10
CA HIS A 106 32.82 31.18 -4.81
C HIS A 106 32.82 29.69 -4.52
N ASN A 107 33.96 29.05 -4.74
CA ASN A 107 34.07 27.60 -4.73
C ASN A 107 33.82 27.01 -3.35
N GLN A 108 33.08 25.91 -3.31
CA GLN A 108 32.85 25.17 -2.09
C GLN A 108 32.30 26.06 -1.01
N GLU A 109 31.27 26.81 -1.37
CA GLU A 109 30.70 27.82 -0.49
C GLU A 109 29.31 27.47 0.01
N PHE A 110 28.61 26.52 -0.62
CA PHE A 110 27.18 26.34 -0.39
C PHE A 110 26.85 24.92 0.03
N ASP A 111 25.81 24.79 0.84
CA ASP A 111 25.26 23.49 1.21
C ASP A 111 24.09 23.08 0.33
N LEU A 112 23.67 23.94 -0.59
CA LEU A 112 22.51 23.69 -1.42
C LEU A 112 22.45 24.69 -2.56
N VAL A 113 22.46 24.16 -3.78
CA VAL A 113 22.24 24.91 -5.01
C VAL A 113 20.96 24.38 -5.65
N VAL A 114 20.07 25.29 -6.03
CA VAL A 114 18.80 24.96 -6.63
C VAL A 114 18.75 25.71 -7.95
N CYS A 115 18.06 25.15 -8.95
CA CYS A 115 18.07 25.78 -10.26
C CYS A 115 16.85 25.38 -11.06
N ASN A 116 16.15 26.37 -11.59
CA ASN A 116 15.12 26.18 -12.61
C ASN A 116 15.74 26.66 -13.93
N PRO A 117 16.42 25.79 -14.67
CA PRO A 117 17.27 26.23 -15.81
C PRO A 117 16.43 26.56 -17.02
N PRO A 118 16.99 27.28 -18.01
CA PRO A 118 16.35 27.27 -19.34
C PRO A 118 16.21 25.83 -19.83
N PHE A 119 15.06 25.52 -20.40
CA PHE A 119 14.79 24.13 -20.75
C PHE A 119 15.25 23.75 -22.16
N PHE A 120 15.12 24.63 -23.16
CA PHE A 120 15.30 24.25 -24.55
C PHE A 120 16.69 24.59 -25.08
N LYS A 121 17.29 23.65 -25.80
CA LYS A 121 18.60 23.90 -26.41
C LYS A 121 18.50 24.98 -27.49
N MET A 122 19.65 25.32 -28.06
CA MET A 122 19.72 26.32 -29.10
C MET A 122 19.63 25.64 -30.47
N ASP A 123 18.69 26.09 -31.30
CA ASP A 123 18.48 25.44 -32.60
C ASP A 123 17.72 26.33 -33.56
N GLY A 124 18.44 27.24 -34.23
CA GLY A 124 17.81 28.19 -35.13
C GLY A 124 17.69 29.57 -34.54
N ASN A 125 16.56 30.24 -34.80
CA ASN A 125 16.28 31.55 -34.23
C ASN A 125 15.47 31.34 -32.95
N PRO A 126 16.06 31.51 -31.76
CA PRO A 126 15.27 31.29 -30.53
C PRO A 126 14.16 32.31 -30.36
N LYS A 127 14.42 33.57 -30.67
CA LYS A 127 13.47 34.64 -30.52
C LYS A 127 12.26 34.51 -31.46
N LEU A 128 12.34 33.66 -32.50
CA LEU A 128 11.25 33.55 -33.46
C LEU A 128 9.93 33.19 -32.78
N LYS A 129 9.99 32.51 -31.64
CA LYS A 129 8.80 32.05 -30.93
C LYS A 129 8.64 32.74 -29.56
N GLU A 130 9.35 33.83 -29.31
CA GLU A 130 9.28 34.52 -28.05
C GLU A 130 8.97 35.98 -28.30
N ILE A 131 8.43 36.65 -27.29
CA ILE A 131 8.06 38.05 -27.44
C ILE A 131 9.20 39.02 -27.14
N SER A 132 10.35 38.54 -26.66
CA SER A 132 11.38 39.44 -26.18
C SER A 132 12.67 38.65 -25.93
N LEU A 133 13.81 39.23 -26.31
CA LEU A 133 15.11 38.64 -25.98
C LEU A 133 15.23 38.24 -24.51
N GLU A 134 14.57 38.95 -23.60
CA GLU A 134 14.74 38.59 -22.20
C GLU A 134 13.97 37.32 -21.86
N VAL A 135 12.86 37.07 -22.54
CA VAL A 135 12.17 35.80 -22.36
C VAL A 135 12.94 34.69 -23.04
N ALA A 136 13.47 34.96 -24.25
CA ALA A 136 14.18 33.93 -24.99
C ALA A 136 15.43 33.49 -24.24
N ASN A 137 16.09 34.41 -23.57
CA ASN A 137 17.29 34.09 -22.80
C ASN A 137 16.96 33.34 -21.52
N ALA A 138 15.69 33.25 -21.14
CA ALA A 138 15.31 32.50 -19.96
C ALA A 138 14.82 31.11 -20.30
N ARG A 139 14.28 30.94 -21.51
CA ARG A 139 13.71 29.68 -21.92
C ARG A 139 14.62 28.84 -22.79
N HIS A 140 15.63 29.45 -23.43
CA HIS A 140 16.56 28.75 -24.32
C HIS A 140 17.99 28.87 -23.81
N GLU A 141 18.82 27.90 -24.18
CA GLU A 141 20.22 27.85 -23.74
C GLU A 141 21.10 28.82 -24.55
N ILE A 142 20.79 30.11 -24.47
CA ILE A 142 21.57 31.13 -25.13
C ILE A 142 22.65 31.70 -24.23
N LEU A 143 22.39 31.90 -22.94
CA LEU A 143 23.41 32.44 -22.04
C LEU A 143 23.99 31.42 -21.07
N ILE A 144 23.56 30.16 -21.15
CA ILE A 144 23.98 29.11 -20.23
C ILE A 144 23.61 27.79 -20.89
N THR A 145 24.33 26.73 -20.57
CA THR A 145 23.98 25.40 -21.07
C THR A 145 23.78 24.48 -19.89
N LEU A 146 23.12 23.35 -20.15
CA LEU A 146 22.80 22.44 -19.05
C LEU A 146 24.07 21.93 -18.38
N GLU A 147 25.03 21.45 -19.18
CA GLU A 147 26.29 21.00 -18.60
C GLU A 147 26.97 22.10 -17.77
N ASP A 148 26.92 23.35 -18.23
CA ASP A 148 27.51 24.44 -17.44
C ASP A 148 26.87 24.54 -16.08
N ILE A 149 25.54 24.46 -16.02
CA ILE A 149 24.81 24.56 -14.75
C ILE A 149 25.25 23.46 -13.80
N ILE A 150 25.33 22.21 -14.29
CA ILE A 150 25.69 21.10 -13.40
C ILE A 150 27.15 21.20 -13.01
N LYS A 151 28.04 21.49 -13.96
CA LYS A 151 29.44 21.67 -13.62
C LYS A 151 29.61 22.77 -12.59
N SER A 152 29.00 23.94 -12.87
CA SER A 152 29.00 25.05 -11.91
C SER A 152 28.42 24.64 -10.55
N ALA A 153 27.31 23.90 -10.55
CA ALA A 153 26.76 23.44 -9.27
C ALA A 153 27.78 22.62 -8.49
N SER A 154 28.59 21.81 -9.19
CA SER A 154 29.62 21.03 -8.51
C SER A 154 30.79 21.89 -8.03
N ARG A 155 31.07 23.01 -8.72
CA ARG A 155 32.12 23.92 -8.25
C ARG A 155 31.69 24.69 -7.01
N CYS A 156 30.39 25.01 -6.89
CA CYS A 156 29.88 25.82 -5.78
C CYS A 156 29.66 25.00 -4.52
N LEU A 157 29.36 23.70 -4.68
CA LEU A 157 28.92 22.87 -3.58
C LEU A 157 30.11 22.42 -2.72
N LYS A 158 29.78 22.02 -1.50
CA LYS A 158 30.72 21.48 -0.56
C LYS A 158 30.43 20.01 -0.38
N ASN A 159 31.41 19.27 0.15
CA ASN A 159 31.19 17.85 0.35
C ASN A 159 29.87 17.63 1.05
N LYS A 160 29.11 16.66 0.56
CA LYS A 160 27.73 16.38 0.95
C LYS A 160 26.75 17.52 0.60
N GLY A 161 27.23 18.56 -0.09
CA GLY A 161 26.34 19.57 -0.64
C GLY A 161 25.29 18.99 -1.58
N ASN A 162 24.27 19.77 -1.88
CA ASN A 162 23.05 19.25 -2.49
C ASN A 162 22.64 20.12 -3.67
N PHE A 163 22.57 19.51 -4.86
CA PHE A 163 22.12 20.18 -6.08
C PHE A 163 20.71 19.74 -6.41
N THR A 164 19.80 20.69 -6.62
CA THR A 164 18.39 20.40 -6.87
C THR A 164 17.96 21.07 -8.16
N ILE A 165 17.33 20.30 -9.06
CA ILE A 165 16.99 20.79 -10.38
C ILE A 165 15.59 20.34 -10.77
N VAL A 166 14.99 21.08 -11.70
CA VAL A 166 13.75 20.70 -12.36
C VAL A 166 14.01 20.86 -13.86
N HIS A 167 13.47 19.97 -14.68
CA HIS A 167 13.84 20.03 -16.09
C HIS A 167 12.86 19.19 -16.88
N ARG A 168 12.96 19.27 -18.20
CA ARG A 168 12.09 18.49 -19.05
C ARG A 168 12.43 17.01 -18.95
N SER A 169 11.42 16.15 -19.08
CA SER A 169 11.65 14.75 -18.78
C SER A 169 12.39 14.03 -19.90
N GLU A 170 12.33 14.54 -21.12
CA GLU A 170 13.15 14.03 -22.22
C GLU A 170 14.64 14.00 -21.90
N ARG A 171 15.11 14.79 -20.94
CA ARG A 171 16.54 14.98 -20.75
C ARG A 171 17.00 14.37 -19.44
N LEU A 172 16.20 13.47 -18.89
CA LEU A 172 16.49 12.94 -17.57
C LEU A 172 17.81 12.18 -17.54
N SER A 173 18.06 11.30 -18.52
CA SER A 173 19.31 10.52 -18.50
C SER A 173 20.51 11.41 -18.77
N GLU A 174 20.40 12.31 -19.75
CA GLU A 174 21.41 13.35 -19.93
C GLU A 174 21.75 14.00 -18.60
N ILE A 175 20.73 14.36 -17.81
CA ILE A 175 20.96 14.99 -16.52
C ILE A 175 21.63 14.01 -15.57
N ILE A 176 21.03 12.80 -15.41
CA ILE A 176 21.64 11.73 -14.63
C ILE A 176 23.11 11.60 -15.00
N ASN A 177 23.39 11.48 -16.29
CA ASN A 177 24.76 11.30 -16.73
C ASN A 177 25.64 12.51 -16.41
N LEU A 178 25.12 13.74 -16.54
CA LEU A 178 25.98 14.85 -16.16
C LEU A 178 26.20 14.92 -14.65
N PHE A 179 25.23 14.45 -13.86
CA PHE A 179 25.43 14.38 -12.42
C PHE A 179 26.65 13.51 -12.11
N TYR A 180 26.69 12.30 -12.68
CA TYR A 180 27.81 11.41 -12.37
C TYR A 180 29.11 12.00 -12.87
N LYS A 181 29.09 12.64 -14.03
CA LYS A 181 30.30 13.24 -14.58
C LYS A 181 30.94 14.24 -13.63
N TYR A 182 30.16 14.92 -12.78
CA TYR A 182 30.72 15.90 -11.85
C TYR A 182 30.51 15.47 -10.40
N ASN A 183 30.49 14.15 -10.19
CA ASN A 183 30.54 13.55 -8.87
C ASN A 183 29.39 14.00 -7.98
N ILE A 184 28.25 14.20 -8.60
CA ILE A 184 27.00 14.41 -7.90
C ILE A 184 26.16 13.16 -8.06
N TYR A 185 25.86 12.53 -6.93
CA TYR A 185 25.15 11.27 -6.93
C TYR A 185 23.66 11.52 -6.86
N PRO A 186 22.90 11.11 -7.87
CA PRO A 186 21.43 11.28 -7.82
C PRO A 186 20.82 10.60 -6.61
N LYS A 187 19.85 11.28 -5.95
CA LYS A 187 19.23 10.72 -4.75
C LYS A 187 17.71 10.68 -4.75
N ARG A 188 17.07 11.78 -5.10
CA ARG A 188 15.62 11.88 -4.99
C ARG A 188 15.05 12.28 -6.33
N LEU A 189 13.93 11.69 -6.68
CA LEU A 189 13.39 11.91 -8.01
C LEU A 189 11.88 11.88 -7.91
N ARG A 190 11.22 12.80 -8.58
CA ARG A 190 9.77 12.79 -8.69
C ARG A 190 9.33 13.27 -10.06
N LEU A 191 8.44 12.51 -10.68
CA LEU A 191 7.90 12.81 -11.98
C LEU A 191 6.67 13.66 -11.80
N ILE A 192 6.46 14.60 -12.72
CA ILE A 192 5.27 15.43 -12.72
C ILE A 192 4.49 15.15 -14.00
N GLN A 193 3.26 14.67 -13.87
CA GLN A 193 2.38 14.56 -15.02
C GLN A 193 1.22 15.54 -14.88
N SER A 194 0.69 15.96 -16.03
CA SER A 194 -0.51 16.75 -16.05
C SER A 194 -1.71 15.95 -15.58
N LYS A 195 -1.92 14.77 -16.17
CA LYS A 195 -3.08 13.92 -15.93
C LYS A 195 -2.58 12.52 -15.61
N LYS A 196 -3.48 11.72 -15.03
CA LYS A 196 -3.15 10.33 -14.69
C LYS A 196 -2.85 9.48 -15.92
N THR A 197 -3.35 9.86 -17.10
CA THR A 197 -3.09 9.17 -18.35
C THR A 197 -2.01 9.81 -19.23
N ASP A 198 -1.40 10.92 -18.83
CA ASP A 198 -0.45 11.63 -19.68
C ASP A 198 0.99 11.22 -19.35
N ASN A 199 1.85 11.31 -20.36
CA ASN A 199 3.29 11.15 -20.15
C ASN A 199 3.81 12.21 -19.19
N ALA A 200 4.77 11.84 -18.35
CA ALA A 200 5.40 12.85 -17.50
C ALA A 200 6.07 13.92 -18.35
N LYS A 201 5.72 15.17 -18.14
CA LYS A 201 6.36 16.26 -18.87
C LYS A 201 7.56 16.84 -18.14
N MET A 202 7.64 16.68 -16.82
CA MET A 202 8.70 17.32 -16.05
C MET A 202 9.18 16.40 -14.95
N ILE A 203 10.40 16.65 -14.52
CA ILE A 203 11.01 15.84 -13.47
C ILE A 203 11.61 16.79 -12.45
N LEU A 204 11.74 16.28 -11.23
CA LEU A 204 12.41 16.96 -10.15
C LEU A 204 13.51 16.01 -9.70
N LEU A 205 14.71 16.53 -9.55
CA LEU A 205 15.85 15.69 -9.24
C LEU A 205 16.80 16.40 -8.30
N ASP A 206 17.35 15.65 -7.38
CA ASP A 206 18.20 16.10 -6.30
C ASP A 206 19.36 15.13 -6.19
N GLY A 207 20.53 15.62 -5.79
CA GLY A 207 21.62 14.69 -5.58
C GLY A 207 22.69 15.31 -4.71
N ILE A 208 23.59 14.44 -4.22
CA ILE A 208 24.57 14.79 -3.20
C ILE A 208 25.96 14.85 -3.82
N TYR A 209 26.59 16.02 -3.73
CA TYR A 209 27.98 16.16 -4.12
C TYR A 209 28.85 15.23 -3.29
N GLN A 210 29.55 14.32 -3.98
CA GLN A 210 30.49 13.40 -3.35
C GLN A 210 29.82 12.52 -2.32
N GLY A 211 28.58 12.13 -2.59
CA GLY A 211 27.87 11.16 -1.77
C GLY A 211 27.98 9.76 -2.32
N ASN A 212 26.97 8.93 -1.99
CA ASN A 212 26.88 7.50 -2.24
C ASN A 212 25.85 7.19 -3.33
N GLU A 213 25.66 5.91 -3.65
CA GLU A 213 24.64 5.55 -4.61
C GLU A 213 23.30 5.34 -3.90
N GLY A 214 22.24 5.17 -4.69
CA GLY A 214 20.94 4.88 -4.13
C GLY A 214 19.92 5.96 -4.37
N MET A 215 18.78 5.59 -4.89
CA MET A 215 17.78 6.57 -5.32
C MET A 215 16.48 6.33 -4.60
N GLU A 216 15.77 7.41 -4.32
CA GLU A 216 14.44 7.37 -3.76
C GLU A 216 13.52 7.97 -4.81
N ILE A 217 12.55 7.19 -5.32
CA ILE A 217 11.63 7.70 -6.33
C ILE A 217 10.31 7.98 -5.65
N LEU A 218 10.07 9.26 -5.35
CA LEU A 218 8.88 9.69 -4.63
C LEU A 218 7.64 9.46 -5.49
N PRO A 219 6.45 9.41 -4.88
CA PRO A 219 5.24 9.21 -5.67
C PRO A 219 5.10 10.30 -6.71
N THR A 220 4.86 9.88 -7.95
CA THR A 220 4.48 10.78 -9.04
C THR A 220 3.45 11.82 -8.59
N LEU A 221 3.60 13.05 -9.08
CA LEU A 221 2.64 14.12 -8.85
C LEU A 221 1.76 14.29 -10.09
N ILE A 222 0.47 14.10 -9.92
CA ILE A 222 -0.50 14.44 -10.95
C ILE A 222 -0.99 15.84 -10.65
N THR A 223 -1.01 16.72 -11.64
CA THR A 223 -1.35 18.07 -11.26
C THR A 223 -2.83 18.38 -11.48
N HIS A 224 -3.49 17.69 -12.40
CA HIS A 224 -4.89 17.96 -12.73
C HIS A 224 -5.70 16.67 -12.61
N ASN A 225 -6.89 16.73 -11.99
CA ASN A 225 -7.87 15.65 -12.13
C ASN A 225 -8.43 15.65 -13.56
N ASP A 226 -9.12 14.57 -13.92
CA ASP A 226 -9.70 14.47 -15.26
C ASP A 226 -10.69 15.59 -15.55
N ASP A 227 -11.24 16.22 -14.51
CA ASP A 227 -12.13 17.36 -14.63
C ASP A 227 -11.39 18.67 -14.87
N GLU A 228 -10.07 18.62 -15.12
CA GLU A 228 -9.22 19.78 -15.40
C GLU A 228 -9.01 20.68 -14.18
N THR A 229 -9.41 20.25 -12.98
CA THR A 229 -9.13 20.99 -11.77
C THR A 229 -7.84 20.53 -11.14
N TYR A 230 -7.09 21.48 -10.55
CA TYR A 230 -5.90 21.13 -9.80
C TYR A 230 -6.23 20.02 -8.79
N THR A 231 -5.34 19.05 -8.68
CA THR A 231 -5.56 18.03 -7.68
C THR A 231 -5.32 18.59 -6.28
N ASP A 232 -5.80 17.87 -5.28
CA ASP A 232 -5.57 18.28 -3.91
C ASP A 232 -4.09 18.23 -3.55
N GLU A 233 -3.34 17.30 -4.15
CA GLU A 233 -1.92 17.23 -3.85
C GLU A 233 -1.20 18.43 -4.40
N LEU A 234 -1.65 18.95 -5.55
CA LEU A 234 -1.00 20.11 -6.11
C LEU A 234 -1.30 21.37 -5.32
N LEU A 235 -2.55 21.54 -4.89
CA LEU A 235 -2.91 22.74 -4.14
C LEU A 235 -2.15 22.85 -2.83
N LYS A 236 -1.61 21.75 -2.32
CA LYS A 236 -0.79 21.80 -1.12
C LYS A 236 0.47 22.63 -1.32
N TYR A 237 0.87 22.84 -2.56
CA TYR A 237 2.08 23.58 -2.90
C TYR A 237 1.78 25.04 -3.25
N PHE A 238 0.50 25.42 -3.32
CA PHE A 238 0.06 26.79 -3.53
C PHE A 238 0.09 27.64 -2.25
N HIS A 239 0.53 27.09 -1.12
CA HIS A 239 0.55 27.85 0.12
C HIS A 239 1.50 27.19 1.10
N ASP A 240 1.67 27.81 2.26
CA ASP A 240 2.62 27.27 3.24
C ASP A 240 1.97 26.47 4.36
N LEU B 26 4.85 -11.53 -11.48
CA LEU B 26 4.18 -10.30 -11.89
C LEU B 26 5.14 -9.34 -12.62
N ASP B 27 6.39 -9.28 -12.16
CA ASP B 27 7.39 -8.57 -12.95
C ASP B 27 7.38 -9.04 -14.40
N SER B 28 7.35 -10.36 -14.62
CA SER B 28 7.56 -10.89 -15.96
C SER B 28 6.43 -10.49 -16.92
N VAL B 29 5.22 -10.32 -16.41
CA VAL B 29 4.11 -9.91 -17.27
C VAL B 29 4.26 -8.45 -17.65
N LEU B 30 4.75 -7.64 -16.70
CA LEU B 30 4.93 -6.23 -16.96
C LEU B 30 6.02 -6.01 -17.99
N VAL B 31 7.19 -6.63 -17.78
CA VAL B 31 8.28 -6.42 -18.74
C VAL B 31 7.91 -6.95 -20.13
N ALA B 32 7.16 -8.06 -20.18
CA ALA B 32 6.76 -8.60 -21.48
C ALA B 32 5.88 -7.61 -22.25
N ARG B 33 4.87 -7.04 -21.61
CA ARG B 33 3.99 -6.15 -22.35
C ARG B 33 4.63 -4.80 -22.63
N PHE B 34 5.68 -4.45 -21.89
CA PHE B 34 6.38 -3.19 -22.14
C PHE B 34 7.24 -3.27 -23.40
N CYS B 35 7.63 -4.47 -23.85
CA CYS B 35 8.57 -4.59 -24.97
C CYS B 35 7.99 -4.01 -26.24
N ASN B 36 8.77 -3.19 -26.92
CA ASN B 36 8.31 -2.45 -28.10
C ASN B 36 8.42 -3.38 -29.30
N LEU B 37 7.32 -4.00 -29.70
CA LEU B 37 7.34 -5.10 -30.66
C LEU B 37 6.79 -4.63 -31.99
N ASN B 38 7.63 -3.89 -32.72
CA ASN B 38 7.30 -3.49 -34.09
C ASN B 38 7.67 -4.64 -35.05
N SER B 39 7.68 -4.37 -36.35
CA SER B 39 7.95 -5.37 -37.38
C SER B 39 9.43 -5.51 -37.72
N LYS B 40 10.29 -4.66 -37.17
CA LYS B 40 11.73 -4.83 -37.33
C LYS B 40 12.26 -5.98 -36.47
N LYS B 41 11.52 -6.39 -35.44
CA LYS B 41 11.97 -7.51 -34.60
C LYS B 41 11.83 -8.80 -35.39
N LYS B 42 12.98 -9.37 -35.77
CA LYS B 42 13.04 -10.69 -36.38
C LYS B 42 13.77 -11.70 -35.52
N LYS B 43 14.54 -11.26 -34.52
CA LYS B 43 15.27 -12.16 -33.65
C LYS B 43 15.36 -11.52 -32.27
N ILE B 44 14.79 -12.19 -31.26
CA ILE B 44 14.68 -11.68 -29.91
C ILE B 44 15.40 -12.64 -28.98
N CYS B 45 15.84 -12.15 -27.83
CA CYS B 45 16.50 -13.00 -26.86
C CYS B 45 16.02 -12.65 -25.46
N ASP B 46 15.98 -13.67 -24.58
CA ASP B 46 15.55 -13.49 -23.20
C ASP B 46 16.67 -13.96 -22.28
N PHE B 47 17.14 -13.06 -21.43
CA PHE B 47 18.23 -13.40 -20.53
C PHE B 47 17.65 -14.05 -19.29
N GLY B 48 18.21 -15.19 -18.91
CA GLY B 48 17.71 -15.91 -17.75
C GLY B 48 16.24 -16.26 -17.81
N THR B 49 15.71 -16.50 -19.02
CA THR B 49 14.38 -17.09 -19.19
C THR B 49 14.22 -18.23 -18.19
N ASN B 50 13.05 -18.33 -17.56
CA ASN B 50 12.96 -19.50 -16.68
C ASN B 50 12.11 -20.61 -17.30
N ASN B 51 10.79 -20.54 -17.12
CA ASN B 51 9.82 -21.38 -17.78
C ASN B 51 9.48 -20.88 -19.18
N ALA B 52 10.18 -19.83 -19.64
CA ALA B 52 9.94 -19.20 -20.93
C ALA B 52 8.58 -18.49 -20.96
N VAL B 53 8.13 -18.07 -19.78
CA VAL B 53 6.90 -17.26 -19.72
C VAL B 53 7.00 -16.05 -20.63
N ILE B 54 8.10 -15.27 -20.53
CA ILE B 54 8.23 -14.07 -21.38
C ILE B 54 8.19 -14.44 -22.85
N PRO B 55 9.01 -15.37 -23.37
CA PRO B 55 8.88 -15.77 -24.79
C PRO B 55 7.45 -16.13 -25.16
N LEU B 56 6.76 -16.92 -24.31
CA LEU B 56 5.40 -17.32 -24.63
C LEU B 56 4.47 -16.13 -24.72
N ILE B 57 4.55 -15.22 -23.74
CA ILE B 57 3.78 -13.97 -23.86
C ILE B 57 4.19 -13.23 -25.12
N LEU B 58 5.51 -13.05 -25.34
CA LEU B 58 5.90 -12.32 -26.54
C LEU B 58 5.37 -13.01 -27.78
N SER B 59 5.31 -14.36 -27.76
CA SER B 59 4.83 -15.14 -28.89
C SER B 59 3.48 -14.63 -29.39
N LYS B 60 2.57 -14.30 -28.46
CA LYS B 60 1.27 -13.72 -28.82
C LYS B 60 1.36 -12.31 -29.41
N TYR B 61 2.53 -11.71 -29.72
CA TYR B 61 2.55 -10.39 -30.36
C TYR B 61 3.56 -10.25 -31.48
N THR B 62 4.43 -11.24 -31.72
CA THR B 62 5.47 -11.13 -32.75
C THR B 62 5.69 -12.47 -33.42
N LYS B 63 6.08 -12.41 -34.70
CA LYS B 63 6.50 -13.60 -35.43
C LYS B 63 8.01 -13.82 -35.36
N ALA B 64 8.76 -12.90 -34.73
CA ALA B 64 10.21 -13.03 -34.64
C ALA B 64 10.58 -14.32 -33.92
N LYS B 65 11.74 -14.87 -34.27
CA LYS B 65 12.25 -16.04 -33.58
C LYS B 65 12.80 -15.61 -32.23
N ILE B 66 12.41 -16.32 -31.18
CA ILE B 66 12.81 -15.97 -29.83
C ILE B 66 13.81 -16.99 -29.35
N ILE B 67 14.77 -16.56 -28.53
CA ILE B 67 15.73 -17.46 -27.92
C ILE B 67 15.78 -17.16 -26.43
N GLY B 68 15.63 -18.17 -25.59
CA GLY B 68 15.73 -18.01 -24.15
C GLY B 68 16.99 -18.69 -23.65
N VAL B 69 17.66 -18.04 -22.70
CA VAL B 69 18.96 -18.49 -22.22
C VAL B 69 18.79 -18.78 -20.75
N GLU B 70 19.03 -20.03 -20.36
CA GLU B 70 18.86 -20.39 -18.96
C GLU B 70 20.03 -21.26 -18.54
N ILE B 71 20.63 -20.90 -17.40
CA ILE B 71 21.81 -21.60 -16.90
C ILE B 71 21.52 -22.94 -16.21
N GLN B 72 20.26 -23.24 -15.87
CA GLN B 72 19.93 -24.44 -15.09
C GLN B 72 19.09 -25.42 -15.91
N ASN B 73 19.55 -26.67 -15.97
CA ASN B 73 18.84 -27.67 -16.77
C ASN B 73 17.41 -27.87 -16.29
N LYS B 74 17.17 -27.77 -14.98
CA LYS B 74 15.80 -27.97 -14.48
C LYS B 74 14.83 -27.05 -15.20
N ALA B 75 15.19 -25.76 -15.28
CA ALA B 75 14.32 -24.78 -15.93
C ALA B 75 14.22 -25.02 -17.42
N VAL B 76 15.30 -25.56 -18.03
CA VAL B 76 15.31 -25.87 -19.46
C VAL B 76 14.21 -26.87 -19.82
N GLU B 77 14.01 -27.90 -18.99
CA GLU B 77 12.98 -28.89 -19.31
C GLU B 77 11.59 -28.28 -19.32
N ILE B 78 11.26 -27.46 -18.31
CA ILE B 78 9.92 -26.87 -18.27
C ILE B 78 9.71 -25.95 -19.46
N ALA B 79 10.67 -25.06 -19.72
CA ALA B 79 10.54 -24.11 -20.81
C ALA B 79 10.33 -24.84 -22.13
N ASN B 80 11.16 -25.86 -22.39
CA ASN B 80 10.95 -26.72 -23.55
C ASN B 80 9.58 -27.40 -23.50
N GLU B 81 9.22 -27.94 -22.32
CA GLU B 81 7.88 -28.51 -22.12
C GLU B 81 6.79 -27.51 -22.50
N ASN B 82 6.91 -26.25 -22.02
CA ASN B 82 5.89 -25.24 -22.28
C ASN B 82 5.85 -24.83 -23.76
N ILE B 83 7.02 -24.81 -24.42
CA ILE B 83 7.05 -24.54 -25.87
C ILE B 83 6.45 -25.71 -26.65
N LYS B 84 6.68 -26.95 -26.18
CA LYS B 84 5.99 -28.12 -26.75
C LYS B 84 4.47 -28.02 -26.54
N LEU B 85 4.03 -27.91 -25.28
CA LEU B 85 2.60 -27.86 -24.97
C LEU B 85 1.85 -26.86 -25.83
N ASN B 86 2.50 -25.74 -26.19
CA ASN B 86 1.85 -24.65 -26.89
C ASN B 86 2.17 -24.62 -28.37
N GLY B 87 3.02 -25.53 -28.84
CA GLY B 87 3.23 -25.68 -30.28
C GLY B 87 3.86 -24.47 -30.94
N LEU B 88 4.93 -23.98 -30.32
CA LEU B 88 5.71 -22.87 -30.87
C LEU B 88 7.16 -23.28 -31.09
N GLU B 89 7.43 -24.57 -31.27
CA GLU B 89 8.79 -25.08 -31.39
C GLU B 89 9.50 -24.58 -32.64
N ASP B 90 8.77 -24.03 -33.61
CA ASP B 90 9.36 -23.40 -34.78
C ASP B 90 9.50 -21.89 -34.61
N GLN B 91 9.30 -21.36 -33.40
CA GLN B 91 9.41 -19.93 -33.15
C GLN B 91 10.30 -19.65 -31.96
N ILE B 92 10.27 -20.52 -30.96
CA ILE B 92 10.99 -20.30 -29.71
C ILE B 92 11.92 -21.47 -29.45
N GLU B 93 13.06 -21.19 -28.81
CA GLU B 93 14.10 -22.19 -28.55
C GLU B 93 14.88 -21.84 -27.30
N ILE B 94 15.14 -22.81 -26.48
CA ILE B 94 15.93 -22.61 -25.27
C ILE B 94 17.40 -22.92 -25.56
N VAL B 95 18.31 -22.26 -24.83
CA VAL B 95 19.75 -22.44 -24.95
C VAL B 95 20.33 -22.52 -23.56
N HIS B 96 21.05 -23.60 -23.26
CA HIS B 96 21.51 -23.83 -21.89
C HIS B 96 22.91 -23.23 -21.70
N ALA B 97 22.95 -21.97 -21.25
CA ALA B 97 24.19 -21.20 -21.25
C ALA B 97 24.22 -20.16 -20.13
N ASP B 98 25.42 -19.63 -19.91
CA ASP B 98 25.59 -18.41 -19.13
C ASP B 98 25.49 -17.22 -20.07
N ILE B 99 24.65 -16.25 -19.70
CA ILE B 99 24.42 -15.07 -20.53
C ILE B 99 25.73 -14.42 -20.94
N LYS B 100 26.74 -14.47 -20.07
CA LYS B 100 27.99 -13.79 -20.37
C LYS B 100 28.71 -14.50 -21.51
N GLU B 101 28.95 -15.81 -21.35
CA GLU B 101 29.58 -16.57 -22.44
C GLU B 101 28.70 -16.59 -23.68
N PHE B 102 27.39 -16.78 -23.50
CA PHE B 102 26.51 -16.80 -24.67
C PHE B 102 26.67 -15.54 -25.51
N SER B 103 26.76 -14.37 -24.86
CA SER B 103 26.67 -13.08 -25.54
C SER B 103 27.91 -12.76 -26.36
N LYS B 104 29.09 -13.16 -25.86
CA LYS B 104 30.31 -13.03 -26.65
C LYS B 104 30.23 -13.79 -27.96
N LEU B 105 29.37 -14.81 -28.06
CA LEU B 105 29.27 -15.61 -29.27
C LEU B 105 28.25 -15.08 -30.26
N HIS B 106 27.61 -13.94 -30.01
CA HIS B 106 26.47 -13.56 -30.85
C HIS B 106 26.43 -12.08 -31.19
N ASN B 107 27.57 -11.54 -31.62
CA ASN B 107 27.68 -10.14 -31.99
C ASN B 107 26.63 -9.76 -33.03
N GLN B 108 25.99 -8.60 -32.79
CA GLN B 108 25.09 -7.96 -33.75
C GLN B 108 23.94 -8.86 -34.20
N GLU B 109 23.39 -9.64 -33.28
CA GLU B 109 22.40 -10.63 -33.64
C GLU B 109 20.96 -10.17 -33.46
N PHE B 110 20.62 -9.63 -32.30
CA PHE B 110 19.24 -9.52 -31.88
C PHE B 110 18.70 -8.12 -32.06
N ASP B 111 17.41 -8.05 -32.39
CA ASP B 111 16.67 -6.80 -32.41
C ASP B 111 16.18 -6.39 -31.02
N LEU B 112 15.94 -7.36 -30.14
CA LEU B 112 15.50 -7.11 -28.77
C LEU B 112 16.18 -8.11 -27.85
N VAL B 113 16.73 -7.63 -26.75
CA VAL B 113 17.12 -8.45 -25.61
C VAL B 113 16.31 -7.98 -24.41
N VAL B 114 15.61 -8.90 -23.75
CA VAL B 114 14.83 -8.57 -22.57
C VAL B 114 15.32 -9.43 -21.42
N CYS B 115 15.40 -8.84 -20.24
CA CYS B 115 15.96 -9.51 -19.08
C CYS B 115 15.22 -9.06 -17.82
N ASN B 116 14.66 -10.03 -17.11
CA ASN B 116 14.07 -9.90 -15.80
C ASN B 116 15.05 -10.42 -14.76
N PRO B 117 16.01 -9.62 -14.31
CA PRO B 117 17.16 -10.13 -13.50
C PRO B 117 16.72 -10.88 -12.25
N PRO B 118 17.63 -11.68 -11.67
CA PRO B 118 17.42 -12.35 -10.37
C PRO B 118 17.56 -11.39 -9.19
N LEU B 143 25.57 -15.75 -10.19
CA LEU B 143 26.92 -15.26 -10.45
C LEU B 143 26.95 -14.16 -11.55
N ILE B 144 25.91 -13.32 -11.59
CA ILE B 144 25.73 -12.36 -12.69
C ILE B 144 25.32 -10.98 -12.15
N THR B 145 26.20 -10.00 -12.29
CA THR B 145 25.95 -8.66 -11.77
C THR B 145 25.10 -7.85 -12.74
N LEU B 146 24.57 -6.73 -12.25
CA LEU B 146 23.82 -5.83 -13.11
C LEU B 146 24.70 -5.29 -14.25
N GLU B 147 25.94 -4.92 -13.94
CA GLU B 147 26.83 -4.53 -15.02
C GLU B 147 26.98 -5.64 -16.06
N ASP B 148 27.02 -6.91 -15.62
CA ASP B 148 27.16 -8.02 -16.56
C ASP B 148 26.00 -8.07 -17.55
N ILE B 149 24.78 -7.91 -17.05
CA ILE B 149 23.61 -8.02 -17.91
C ILE B 149 23.66 -6.98 -19.01
N ILE B 150 24.03 -5.74 -18.66
CA ILE B 150 23.97 -4.64 -19.61
C ILE B 150 25.11 -4.74 -20.61
N LYS B 151 26.30 -5.10 -20.14
CA LYS B 151 27.42 -5.35 -21.04
C LYS B 151 27.08 -6.43 -22.05
N SER B 152 26.62 -7.61 -21.54
CA SER B 152 26.23 -8.74 -22.38
C SER B 152 25.22 -8.31 -23.42
N ALA B 153 24.23 -7.52 -23.00
CA ALA B 153 23.20 -7.07 -23.94
C ALA B 153 23.82 -6.32 -25.10
N SER B 154 24.82 -5.47 -24.83
CA SER B 154 25.41 -4.68 -25.90
C SER B 154 26.31 -5.53 -26.78
N ARG B 155 26.90 -6.60 -26.23
CA ARG B 155 27.72 -7.53 -27.00
C ARG B 155 26.94 -8.30 -28.05
N CYS B 156 25.61 -8.42 -27.93
CA CYS B 156 24.89 -9.25 -28.89
C CYS B 156 23.67 -8.57 -29.52
N LEU B 157 23.55 -7.25 -29.48
CA LEU B 157 22.43 -6.55 -30.12
C LEU B 157 22.84 -5.99 -31.46
N LYS B 158 21.92 -5.99 -32.43
CA LYS B 158 22.14 -5.26 -33.66
C LYS B 158 22.12 -3.77 -33.38
N ASN B 159 22.83 -3.01 -34.22
CA ASN B 159 22.82 -1.56 -34.11
C ASN B 159 21.38 -1.06 -34.21
N LYS B 160 21.03 -0.08 -33.39
CA LYS B 160 19.68 0.41 -33.24
C LYS B 160 18.72 -0.65 -32.69
N GLY B 161 19.24 -1.79 -32.17
CA GLY B 161 18.43 -2.74 -31.44
C GLY B 161 18.13 -2.28 -30.03
N ASN B 162 17.27 -3.04 -29.36
CA ASN B 162 16.56 -2.59 -28.16
C ASN B 162 16.90 -3.46 -26.97
N PHE B 163 17.20 -2.85 -25.82
CA PHE B 163 17.41 -3.61 -24.59
C PHE B 163 16.38 -3.20 -23.56
N THR B 164 15.59 -4.16 -23.08
CA THR B 164 14.49 -3.91 -22.16
C THR B 164 14.75 -4.62 -20.83
N ILE B 165 14.62 -3.88 -19.73
CA ILE B 165 14.93 -4.43 -18.42
C ILE B 165 13.87 -3.99 -17.41
N VAL B 166 13.66 -4.82 -16.40
CA VAL B 166 12.82 -4.49 -15.24
C VAL B 166 13.71 -4.65 -14.01
N HIS B 167 13.59 -3.75 -13.05
CA HIS B 167 14.49 -3.77 -11.88
C HIS B 167 13.92 -2.90 -10.76
N ARG B 168 14.70 -2.78 -9.69
CA ARG B 168 14.32 -2.05 -8.50
C ARG B 168 14.56 -0.56 -8.73
N SER B 169 13.63 0.27 -8.24
CA SER B 169 13.68 1.71 -8.52
C SER B 169 14.88 2.38 -7.87
N GLU B 170 15.40 1.87 -6.76
CA GLU B 170 16.61 2.43 -6.18
C GLU B 170 17.80 2.40 -7.13
N ARG B 171 17.73 1.62 -8.20
CA ARG B 171 18.90 1.37 -9.04
C ARG B 171 18.80 2.07 -10.38
N LEU B 172 17.81 2.96 -10.54
CA LEU B 172 17.59 3.66 -11.80
C LEU B 172 18.79 4.50 -12.23
N SER B 173 19.42 5.24 -11.31
CA SER B 173 20.46 6.10 -11.84
C SER B 173 21.67 5.26 -12.27
N GLU B 174 21.91 4.14 -11.58
CA GLU B 174 23.08 3.34 -11.89
C GLU B 174 22.87 2.57 -13.20
N ILE B 175 21.67 2.04 -13.42
CA ILE B 175 21.34 1.43 -14.70
C ILE B 175 21.49 2.43 -15.84
N ILE B 176 21.05 3.68 -15.61
CA ILE B 176 21.17 4.69 -16.65
C ILE B 176 22.64 4.98 -16.95
N ASN B 177 23.48 5.01 -15.93
CA ASN B 177 24.89 5.23 -16.20
C ASN B 177 25.52 4.04 -16.94
N LEU B 178 25.12 2.81 -16.58
CA LEU B 178 25.66 1.64 -17.29
C LEU B 178 25.14 1.55 -18.72
N PHE B 179 23.87 1.90 -18.96
CA PHE B 179 23.39 1.99 -20.33
C PHE B 179 24.33 2.81 -21.20
N TYR B 180 24.73 3.98 -20.69
CA TYR B 180 25.56 4.92 -21.44
C TYR B 180 26.98 4.41 -21.57
N LYS B 181 27.47 3.72 -20.55
CA LYS B 181 28.81 3.15 -20.59
C LYS B 181 28.97 2.11 -21.68
N TYR B 182 27.87 1.53 -22.16
CA TYR B 182 27.93 0.52 -23.22
C TYR B 182 27.07 0.95 -24.39
N ASN B 183 26.98 2.27 -24.57
CA ASN B 183 26.45 2.85 -25.80
C ASN B 183 24.99 2.50 -26.01
N ILE B 184 24.27 2.19 -24.93
CA ILE B 184 22.83 2.00 -24.98
C ILE B 184 22.19 3.30 -24.51
N TYR B 185 21.35 3.89 -25.35
CA TYR B 185 20.71 5.19 -25.11
C TYR B 185 19.32 5.01 -24.51
N PRO B 186 19.08 5.43 -23.26
CA PRO B 186 17.77 5.18 -22.61
C PRO B 186 16.64 5.89 -23.34
N LYS B 187 15.55 5.17 -23.59
CA LYS B 187 14.44 5.71 -24.36
C LYS B 187 13.12 5.71 -23.60
N ARG B 188 12.61 4.57 -23.17
CA ARG B 188 11.30 4.57 -22.53
C ARG B 188 11.47 4.20 -21.07
N LEU B 189 10.81 4.96 -20.20
CA LEU B 189 10.74 4.62 -18.79
C LEU B 189 9.29 4.55 -18.33
N ARG B 190 9.03 3.62 -17.40
CA ARG B 190 7.74 3.54 -16.71
C ARG B 190 7.97 3.11 -15.27
N LEU B 191 7.37 3.86 -14.36
CA LEU B 191 7.44 3.61 -12.93
C LEU B 191 6.29 2.73 -12.47
N ILE B 192 6.57 1.89 -11.47
CA ILE B 192 5.55 1.04 -10.85
C ILE B 192 5.42 1.43 -9.39
N GLN B 193 4.20 1.83 -9.01
CA GLN B 193 3.85 2.12 -7.63
C GLN B 193 2.72 1.19 -7.18
N SER B 194 2.79 0.79 -5.90
CA SER B 194 1.70 0.03 -5.27
C SER B 194 0.39 0.83 -5.26
N LYS B 195 0.32 1.88 -4.44
CA LYS B 195 -0.84 2.77 -4.41
C LYS B 195 -0.42 4.21 -4.72
N LYS B 196 -1.41 4.99 -5.17
CA LYS B 196 -1.16 6.38 -5.60
C LYS B 196 -0.29 7.19 -4.65
N THR B 197 -0.21 6.82 -3.37
CA THR B 197 0.58 7.55 -2.39
C THR B 197 1.92 6.89 -2.10
N ASP B 198 2.28 5.84 -2.84
CA ASP B 198 3.46 5.03 -2.52
C ASP B 198 4.68 5.40 -3.36
N ASN B 199 5.87 5.23 -2.76
CA ASN B 199 7.11 5.27 -3.52
C ASN B 199 7.13 4.15 -4.55
N ALA B 200 7.71 4.42 -5.70
CA ALA B 200 7.84 3.40 -6.73
C ALA B 200 8.81 2.32 -6.29
N LYS B 201 8.42 1.07 -6.48
CA LYS B 201 9.30 -0.06 -6.20
C LYS B 201 10.05 -0.52 -7.44
N MET B 202 9.37 -0.54 -8.58
CA MET B 202 9.84 -1.17 -9.79
C MET B 202 9.88 -0.14 -10.91
N ILE B 203 10.94 -0.17 -11.72
CA ILE B 203 11.04 0.63 -12.94
C ILE B 203 11.13 -0.31 -14.14
N LEU B 204 10.59 0.15 -15.27
CA LEU B 204 10.69 -0.49 -16.56
C LEU B 204 11.55 0.37 -17.49
N LEU B 205 12.63 -0.18 -18.04
CA LEU B 205 13.59 0.62 -18.77
C LEU B 205 13.96 -0.02 -20.11
N ASP B 206 13.74 0.73 -21.17
CA ASP B 206 13.98 0.42 -22.56
C ASP B 206 15.08 1.36 -23.05
N GLY B 207 16.09 0.81 -23.77
CA GLY B 207 17.12 1.61 -24.43
C GLY B 207 17.57 1.06 -25.76
N ILE B 208 18.15 1.93 -26.57
CA ILE B 208 18.54 1.60 -27.94
C ILE B 208 20.06 1.59 -28.07
N TYR B 209 20.61 0.44 -28.44
CA TYR B 209 22.04 0.29 -28.70
C TYR B 209 22.45 1.10 -29.91
N GLN B 210 23.43 1.99 -29.73
CA GLN B 210 23.86 2.96 -30.75
C GLN B 210 22.69 3.78 -31.27
N GLY B 211 21.81 4.20 -30.36
CA GLY B 211 20.76 5.13 -30.68
C GLY B 211 21.09 6.55 -30.25
N ASN B 212 20.14 7.45 -30.49
CA ASN B 212 20.33 8.87 -30.20
C ASN B 212 19.75 9.23 -28.82
N GLU B 213 19.80 10.53 -28.49
CA GLU B 213 19.43 10.98 -27.16
C GLU B 213 17.96 11.36 -27.08
N GLY B 214 17.39 11.20 -25.88
CA GLY B 214 16.03 11.63 -25.56
C GLY B 214 15.19 10.52 -24.97
N MET B 215 14.47 10.79 -23.89
CA MET B 215 13.63 9.80 -23.22
C MET B 215 12.15 10.07 -23.45
N GLU B 216 11.34 9.01 -23.31
CA GLU B 216 9.90 9.09 -23.15
C GLU B 216 9.54 8.41 -21.84
N ILE B 217 8.95 9.17 -20.93
CA ILE B 217 8.54 8.69 -19.61
C ILE B 217 7.03 8.47 -19.64
N LEU B 218 6.61 7.20 -19.62
CA LEU B 218 5.21 6.83 -19.72
C LEU B 218 4.47 7.05 -18.39
N PRO B 219 3.15 7.25 -18.45
CA PRO B 219 2.37 7.46 -17.23
C PRO B 219 2.65 6.38 -16.21
N THR B 220 3.00 6.80 -14.99
CA THR B 220 3.28 5.87 -13.91
C THR B 220 2.15 4.84 -13.84
N LEU B 221 2.50 3.60 -13.48
CA LEU B 221 1.49 2.57 -13.27
C LEU B 221 1.29 2.35 -11.78
N ILE B 222 0.02 2.45 -11.36
CA ILE B 222 -0.40 2.13 -10.00
C ILE B 222 -1.03 0.75 -10.03
N THR B 223 -0.46 -0.18 -9.27
CA THR B 223 -0.90 -1.58 -9.37
C THR B 223 -2.30 -1.77 -8.82
N HIS B 224 -2.52 -1.51 -7.52
CA HIS B 224 -3.85 -1.72 -6.94
C HIS B 224 -4.37 -0.44 -6.26
N ASN B 225 -5.70 -0.37 -6.13
CA ASN B 225 -6.37 0.69 -5.39
C ASN B 225 -6.07 0.58 -3.89
N ASP B 226 -6.70 1.46 -3.13
CA ASP B 226 -6.50 1.44 -1.68
C ASP B 226 -7.35 0.38 -0.99
N ASP B 227 -8.29 -0.25 -1.70
CA ASP B 227 -8.98 -1.42 -1.17
C ASP B 227 -8.18 -2.72 -1.31
N GLU B 228 -6.96 -2.62 -1.88
CA GLU B 228 -6.11 -3.77 -2.25
C GLU B 228 -6.69 -4.58 -3.40
N THR B 229 -7.50 -3.95 -4.24
CA THR B 229 -7.92 -4.53 -5.51
C THR B 229 -7.09 -3.94 -6.62
N TYR B 230 -6.59 -4.80 -7.52
CA TYR B 230 -5.87 -4.34 -8.70
C TYR B 230 -6.65 -3.24 -9.40
N THR B 231 -5.93 -2.20 -9.84
CA THR B 231 -6.57 -1.14 -10.58
C THR B 231 -6.97 -1.63 -11.97
N ASP B 232 -7.96 -0.96 -12.55
CA ASP B 232 -8.35 -1.26 -13.93
C ASP B 232 -7.16 -1.19 -14.86
N GLU B 233 -6.29 -0.19 -14.65
CA GLU B 233 -5.11 -0.03 -15.50
C GLU B 233 -4.24 -1.29 -15.47
N LEU B 234 -3.98 -1.82 -14.26
CA LEU B 234 -3.17 -3.03 -14.15
C LEU B 234 -3.82 -4.21 -14.88
N LEU B 235 -5.15 -4.25 -14.95
CA LEU B 235 -5.83 -5.39 -15.58
C LEU B 235 -5.55 -5.47 -17.07
N LYS B 236 -5.27 -4.34 -17.75
CA LYS B 236 -4.93 -4.38 -19.17
C LYS B 236 -3.80 -5.36 -19.44
N TYR B 237 -2.85 -5.42 -18.52
CA TYR B 237 -1.87 -6.48 -18.46
C TYR B 237 -2.48 -7.64 -17.68
N PHE B 238 -2.32 -8.86 -18.19
CA PHE B 238 -2.91 -10.11 -17.67
C PHE B 238 -4.40 -10.20 -18.03
N MET C 1 -3.54 -20.15 -23.34
CA MET C 1 -2.23 -20.77 -23.45
C MET C 1 -1.90 -21.44 -22.14
N LYS C 2 -1.53 -22.71 -22.21
CA LYS C 2 -1.22 -23.50 -21.03
C LYS C 2 0.24 -23.30 -20.68
N VAL C 3 0.51 -22.99 -19.43
CA VAL C 3 1.88 -22.78 -18.99
C VAL C 3 2.11 -23.68 -17.78
N LEU C 4 2.92 -24.72 -17.96
CA LEU C 4 3.47 -25.44 -16.82
C LEU C 4 4.36 -24.55 -15.98
N ASN C 5 4.36 -24.82 -14.68
CA ASN C 5 5.27 -24.15 -13.78
C ASN C 5 5.35 -24.99 -12.52
N ASP C 6 6.48 -24.89 -11.83
CA ASP C 6 6.57 -25.49 -10.52
C ASP C 6 5.59 -24.80 -9.58
N LEU C 7 5.03 -25.57 -8.64
CA LEU C 7 4.12 -25.01 -7.63
C LEU C 7 4.97 -24.42 -6.52
N LEU C 8 5.47 -23.21 -6.78
CA LEU C 8 6.27 -22.44 -5.83
C LEU C 8 7.31 -23.34 -5.17
N GLY C 9 7.48 -23.19 -3.86
CA GLY C 9 8.50 -23.96 -3.18
C GLY C 9 8.07 -25.34 -2.73
N TYR C 10 7.15 -25.97 -3.44
CA TYR C 10 6.63 -27.25 -3.00
C TYR C 10 7.35 -28.36 -3.74
N LYS C 11 7.95 -29.27 -2.97
CA LYS C 11 8.54 -30.47 -3.54
C LYS C 11 7.47 -31.29 -4.25
N ASN C 12 7.87 -31.93 -5.37
CA ASN C 12 7.03 -32.85 -6.14
C ASN C 12 5.68 -32.23 -6.53
N ARG C 13 5.69 -30.94 -6.90
CA ARG C 13 4.46 -30.27 -7.29
C ARG C 13 4.74 -29.31 -8.44
N LYS C 14 4.21 -29.62 -9.62
CA LYS C 14 4.16 -28.71 -10.76
C LYS C 14 2.69 -28.55 -11.15
N LEU C 15 2.41 -27.63 -12.09
CA LEU C 15 1.01 -27.37 -12.37
C LEU C 15 0.80 -26.64 -13.69
N TYR C 16 -0.34 -26.93 -14.32
CA TYR C 16 -0.81 -26.23 -15.52
C TYR C 16 -1.78 -25.11 -15.15
N GLN C 17 -1.64 -23.97 -15.83
CA GLN C 17 -2.55 -22.84 -15.72
C GLN C 17 -2.79 -22.24 -17.10
N ASP C 18 -3.94 -21.59 -17.27
CA ASP C 18 -4.35 -21.00 -18.55
C ASP C 18 -4.47 -19.49 -18.43
N ASN C 19 -4.14 -18.76 -19.51
CA ASN C 19 -4.08 -17.29 -19.45
C ASN C 19 -5.44 -16.62 -19.59
N LYS C 20 -6.43 -17.32 -20.16
CA LYS C 20 -7.79 -16.82 -20.29
C LYS C 20 -8.72 -17.40 -19.25
N MET C 21 -8.18 -18.12 -18.27
CA MET C 21 -8.91 -18.68 -17.15
C MET C 21 -8.34 -18.14 -15.85
N PHE C 22 -9.06 -18.33 -14.75
CA PHE C 22 -8.59 -17.84 -13.45
C PHE C 22 -7.35 -18.63 -13.01
N ASN C 23 -6.34 -17.91 -12.54
CA ASN C 23 -5.08 -18.49 -12.07
C ASN C 23 -4.96 -18.32 -10.56
N PHE C 24 -4.13 -19.15 -9.92
CA PHE C 24 -4.09 -19.18 -8.47
C PHE C 24 -3.35 -17.98 -7.88
N THR C 25 -3.84 -17.52 -6.74
CA THR C 25 -3.31 -16.35 -6.05
C THR C 25 -2.77 -16.78 -4.69
N LEU C 26 -2.49 -15.79 -3.84
CA LEU C 26 -1.95 -16.02 -2.52
C LEU C 26 -3.03 -16.45 -1.53
N ASP C 27 -4.27 -16.00 -1.74
CA ASP C 27 -5.39 -16.50 -0.95
C ASP C 27 -5.49 -18.02 -1.08
N SER C 28 -5.40 -18.53 -2.31
CA SER C 28 -5.45 -19.98 -2.55
C SER C 28 -4.44 -20.70 -1.66
N VAL C 29 -3.20 -20.24 -1.67
CA VAL C 29 -2.17 -20.86 -0.85
C VAL C 29 -2.52 -20.78 0.64
N LEU C 30 -3.12 -19.65 1.08
CA LEU C 30 -3.26 -19.43 2.52
C LEU C 30 -4.46 -20.17 3.11
N VAL C 31 -5.62 -20.13 2.43
CA VAL C 31 -6.75 -20.94 2.88
C VAL C 31 -6.36 -22.42 2.89
N ALA C 32 -5.44 -22.82 2.00
CA ALA C 32 -4.99 -24.21 1.95
C ALA C 32 -4.11 -24.58 3.14
N ARG C 33 -3.38 -23.63 3.70
CA ARG C 33 -2.54 -23.90 4.86
C ARG C 33 -3.22 -23.56 6.18
N PHE C 34 -4.35 -22.84 6.14
CA PHE C 34 -5.13 -22.53 7.33
C PHE C 34 -5.94 -23.72 7.82
N CYS C 35 -6.42 -24.55 6.88
CA CYS C 35 -7.15 -25.80 7.13
C CYS C 35 -6.52 -26.64 8.23
N ASN C 36 -7.28 -26.97 9.26
CA ASN C 36 -6.77 -27.84 10.32
C ASN C 36 -6.89 -29.30 9.88
N LEU C 37 -5.88 -29.76 9.14
CA LEU C 37 -5.76 -31.17 8.84
C LEU C 37 -5.31 -31.92 10.10
N ASN C 38 -6.09 -32.91 10.51
CA ASN C 38 -5.70 -33.84 11.56
C ASN C 38 -6.09 -35.24 11.09
N SER C 39 -5.97 -36.21 11.99
CA SER C 39 -6.26 -37.60 11.67
C SER C 39 -7.75 -37.89 11.58
N LYS C 40 -8.60 -37.03 12.16
CA LYS C 40 -10.04 -37.24 12.04
C LYS C 40 -10.56 -36.91 10.65
N LYS C 41 -9.85 -36.07 9.92
CA LYS C 41 -10.29 -35.64 8.59
C LYS C 41 -9.87 -36.71 7.58
N LYS C 42 -10.82 -37.56 7.19
CA LYS C 42 -10.56 -38.63 6.24
C LYS C 42 -11.17 -38.38 4.86
N LYS C 43 -12.08 -37.42 4.73
CA LYS C 43 -12.60 -37.09 3.40
C LYS C 43 -12.84 -35.59 3.29
N ILE C 44 -12.30 -34.99 2.22
CA ILE C 44 -12.22 -33.55 2.08
C ILE C 44 -12.87 -33.10 0.77
N CYS C 45 -13.45 -31.90 0.78
CA CYS C 45 -14.03 -31.32 -0.43
C CYS C 45 -13.50 -29.90 -0.63
N ASP C 46 -13.10 -29.58 -1.86
CA ASP C 46 -12.76 -28.22 -2.27
C ASP C 46 -13.88 -27.67 -3.16
N PHE C 47 -14.60 -26.65 -2.65
CA PHE C 47 -15.62 -25.97 -3.43
C PHE C 47 -14.99 -25.01 -4.44
N GLY C 48 -15.33 -25.18 -5.72
CA GLY C 48 -14.78 -24.36 -6.77
C GLY C 48 -13.28 -24.50 -6.95
N THR C 49 -12.77 -25.74 -6.87
CA THR C 49 -11.42 -26.05 -7.34
C THR C 49 -11.29 -25.59 -8.79
N ASN C 50 -10.19 -24.96 -9.13
CA ASN C 50 -10.14 -24.48 -10.51
C ASN C 50 -9.22 -25.43 -11.26
N ASN C 51 -7.92 -25.16 -11.16
CA ASN C 51 -6.89 -26.07 -11.62
C ASN C 51 -6.43 -27.02 -10.51
N ALA C 52 -7.24 -27.17 -9.45
CA ALA C 52 -6.99 -28.14 -8.38
C ALA C 52 -5.76 -27.78 -7.55
N VAL C 53 -5.45 -26.49 -7.46
CA VAL C 53 -4.24 -26.06 -6.75
C VAL C 53 -4.36 -26.32 -5.25
N ILE C 54 -5.56 -26.11 -4.69
CA ILE C 54 -5.78 -26.31 -3.26
C ILE C 54 -5.69 -27.79 -2.89
N PRO C 55 -6.28 -28.72 -3.64
CA PRO C 55 -6.06 -30.14 -3.34
C PRO C 55 -4.62 -30.58 -3.59
N LEU C 56 -3.97 -30.01 -4.61
CA LEU C 56 -2.58 -30.34 -4.87
C LEU C 56 -1.66 -29.98 -3.70
N ILE C 57 -1.99 -28.91 -2.97
CA ILE C 57 -1.22 -28.51 -1.79
C ILE C 57 -1.58 -29.35 -0.60
N LEU C 58 -2.89 -29.53 -0.35
CA LEU C 58 -3.33 -30.27 0.83
C LEU C 58 -2.74 -31.68 0.85
N SER C 59 -2.54 -32.30 -0.32
CA SER C 59 -2.05 -33.67 -0.38
C SER C 59 -0.65 -33.82 0.20
N LYS C 60 0.13 -32.75 0.23
CA LYS C 60 1.45 -32.77 0.85
C LYS C 60 1.37 -32.74 2.37
N TYR C 61 0.18 -32.71 2.94
CA TYR C 61 0.01 -32.62 4.38
C TYR C 61 -0.99 -33.62 4.90
N THR C 62 -1.59 -34.42 4.02
CA THR C 62 -2.59 -35.40 4.39
C THR C 62 -2.64 -36.50 3.35
N LYS C 63 -3.18 -37.64 3.78
CA LYS C 63 -3.39 -38.77 2.89
C LYS C 63 -4.86 -39.03 2.60
N ALA C 64 -5.77 -38.28 3.23
CA ALA C 64 -7.20 -38.48 3.07
C ALA C 64 -7.65 -38.18 1.63
N LYS C 65 -8.81 -38.71 1.26
CA LYS C 65 -9.32 -38.49 -0.08
C LYS C 65 -9.75 -37.04 -0.24
N ILE C 66 -9.61 -36.53 -1.47
CA ILE C 66 -9.94 -35.14 -1.75
C ILE C 66 -10.81 -35.10 -2.98
N ILE C 67 -11.92 -34.37 -2.90
CA ILE C 67 -12.81 -34.18 -4.03
C ILE C 67 -12.91 -32.68 -4.31
N GLY C 68 -12.39 -32.27 -5.46
CA GLY C 68 -12.58 -30.91 -5.93
C GLY C 68 -13.77 -30.84 -6.85
N VAL C 69 -14.68 -29.90 -6.59
CA VAL C 69 -15.84 -29.65 -7.42
C VAL C 69 -15.58 -28.43 -8.29
N GLU C 70 -15.98 -28.51 -9.57
CA GLU C 70 -15.78 -27.38 -10.47
C GLU C 70 -16.88 -27.39 -11.50
N ILE C 71 -17.51 -26.23 -11.72
CA ILE C 71 -18.59 -26.14 -12.71
C ILE C 71 -18.09 -25.86 -14.12
N GLN C 72 -16.96 -25.18 -14.29
CA GLN C 72 -16.48 -24.79 -15.60
C GLN C 72 -15.65 -25.93 -16.20
N ASN C 73 -16.03 -26.36 -17.41
CA ASN C 73 -15.52 -27.62 -17.95
C ASN C 73 -14.05 -27.52 -18.38
N LYS C 74 -13.66 -26.40 -18.99
CA LYS C 74 -12.26 -26.25 -19.35
C LYS C 74 -11.35 -26.35 -18.13
N ALA C 75 -11.88 -25.98 -16.95
CA ALA C 75 -11.11 -26.11 -15.72
C ALA C 75 -10.99 -27.57 -15.29
N VAL C 76 -12.08 -28.33 -15.41
CA VAL C 76 -12.02 -29.76 -15.10
C VAL C 76 -10.95 -30.44 -15.96
N GLU C 77 -10.86 -30.05 -17.24
CA GLU C 77 -9.79 -30.58 -18.09
C GLU C 77 -8.42 -30.33 -17.49
N ILE C 78 -8.14 -29.06 -17.13
CA ILE C 78 -6.84 -28.72 -16.58
C ILE C 78 -6.65 -29.36 -15.21
N ALA C 79 -7.65 -29.24 -14.32
CA ALA C 79 -7.53 -29.82 -12.98
C ALA C 79 -7.13 -31.28 -13.06
N ASN C 80 -7.80 -32.03 -13.92
CA ASN C 80 -7.47 -33.44 -14.14
C ASN C 80 -6.01 -33.62 -14.56
N GLU C 81 -5.62 -32.97 -15.67
CA GLU C 81 -4.24 -33.03 -16.13
C GLU C 81 -3.26 -32.73 -15.01
N ASN C 82 -3.65 -31.88 -14.05
CA ASN C 82 -2.77 -31.56 -12.94
C ASN C 82 -2.59 -32.76 -12.00
N ILE C 83 -3.64 -33.55 -11.78
CA ILE C 83 -3.53 -34.66 -10.83
C ILE C 83 -2.77 -35.83 -11.43
N LYS C 84 -2.93 -36.10 -12.73
CA LYS C 84 -2.13 -37.16 -13.35
C LYS C 84 -0.65 -36.75 -13.43
N LEU C 85 -0.40 -35.47 -13.72
CA LEU C 85 0.97 -34.95 -13.76
C LEU C 85 1.70 -35.15 -12.45
N ASN C 86 0.99 -35.16 -11.34
CA ASN C 86 1.62 -35.32 -10.04
C ASN C 86 1.44 -36.71 -9.47
N GLY C 87 0.71 -37.58 -10.18
CA GLY C 87 0.48 -38.94 -9.73
C GLY C 87 -0.25 -39.02 -8.41
N LEU C 88 -1.43 -38.39 -8.35
CA LEU C 88 -2.29 -38.37 -7.17
C LEU C 88 -3.72 -38.78 -7.52
N GLU C 89 -3.84 -39.60 -8.57
CA GLU C 89 -5.14 -39.90 -9.17
C GLU C 89 -6.03 -40.74 -8.28
N ASP C 90 -5.48 -41.42 -7.27
CA ASP C 90 -6.28 -42.16 -6.30
C ASP C 90 -6.53 -41.39 -5.02
N GLN C 91 -5.82 -40.28 -4.79
CA GLN C 91 -6.12 -39.42 -3.65
C GLN C 91 -7.06 -38.28 -3.99
N ILE C 92 -7.13 -37.90 -5.27
CA ILE C 92 -7.82 -36.69 -5.69
C ILE C 92 -8.69 -37.03 -6.88
N GLU C 93 -10.01 -36.86 -6.73
CA GLU C 93 -10.96 -36.98 -7.83
C GLU C 93 -11.50 -35.60 -8.15
N ILE C 94 -11.68 -35.32 -9.44
CA ILE C 94 -12.29 -34.06 -9.87
C ILE C 94 -13.70 -34.35 -10.36
N VAL C 95 -14.66 -33.58 -9.84
CA VAL C 95 -16.07 -33.78 -10.11
C VAL C 95 -16.61 -32.52 -10.77
N HIS C 96 -17.17 -32.69 -11.98
CA HIS C 96 -17.59 -31.58 -12.82
C HIS C 96 -19.07 -31.28 -12.56
N ALA C 97 -19.32 -30.39 -11.58
CA ALA C 97 -20.67 -30.18 -11.10
C ALA C 97 -20.80 -28.79 -10.46
N ASP C 98 -22.05 -28.37 -10.32
CA ASP C 98 -22.40 -27.16 -9.57
C ASP C 98 -22.37 -27.46 -8.08
N ILE C 99 -21.58 -26.70 -7.34
CA ILE C 99 -21.43 -26.81 -5.88
C ILE C 99 -22.75 -27.20 -5.20
N LYS C 100 -23.84 -26.52 -5.59
CA LYS C 100 -25.13 -26.74 -4.90
C LYS C 100 -25.70 -28.11 -5.21
N GLU C 101 -25.82 -28.45 -6.50
CA GLU C 101 -26.38 -29.75 -6.87
C GLU C 101 -25.55 -30.90 -6.32
N PHE C 102 -24.22 -30.72 -6.32
CA PHE C 102 -23.33 -31.70 -5.73
C PHE C 102 -23.53 -31.82 -4.22
N SER C 103 -23.94 -30.74 -3.56
CA SER C 103 -24.05 -30.80 -2.11
C SER C 103 -25.29 -31.59 -1.66
N LYS C 104 -26.31 -31.67 -2.51
CA LYS C 104 -27.52 -32.42 -2.18
C LYS C 104 -27.38 -33.91 -2.45
N LEU C 105 -26.26 -34.35 -3.03
CA LEU C 105 -26.01 -35.76 -3.30
C LEU C 105 -24.85 -36.31 -2.49
N HIS C 106 -24.40 -35.58 -1.47
CA HIS C 106 -23.33 -36.00 -0.60
C HIS C 106 -23.63 -35.44 0.79
N ASN C 107 -24.75 -35.84 1.35
CA ASN C 107 -25.18 -35.35 2.65
C ASN C 107 -24.36 -35.97 3.75
N GLN C 108 -23.86 -35.13 4.65
CA GLN C 108 -23.09 -35.58 5.81
C GLN C 108 -21.98 -36.53 5.39
N GLU C 109 -21.17 -36.09 4.43
CA GLU C 109 -20.17 -36.94 3.81
C GLU C 109 -18.73 -36.54 4.12
N PHE C 110 -18.48 -35.27 4.42
CA PHE C 110 -17.12 -34.75 4.50
C PHE C 110 -16.77 -34.28 5.91
N ASP C 111 -15.50 -34.46 6.27
CA ASP C 111 -14.94 -33.93 7.49
C ASP C 111 -14.44 -32.51 7.33
N LEU C 112 -14.22 -32.08 6.10
CA LEU C 112 -13.60 -30.79 5.79
C LEU C 112 -14.09 -30.36 4.43
N VAL C 113 -14.78 -29.22 4.37
CA VAL C 113 -15.04 -28.49 3.13
C VAL C 113 -14.21 -27.22 3.18
N VAL C 114 -13.52 -26.91 2.08
CA VAL C 114 -12.64 -25.74 1.94
C VAL C 114 -13.09 -24.94 0.73
N CYS C 115 -13.05 -23.61 0.84
CA CYS C 115 -13.56 -22.81 -0.26
C CYS C 115 -12.77 -21.52 -0.42
N ASN C 116 -12.22 -21.30 -1.62
CA ASN C 116 -11.77 -19.97 -1.99
C ASN C 116 -12.75 -19.37 -2.99
N PRO C 117 -13.80 -18.69 -2.53
CA PRO C 117 -14.96 -18.39 -3.40
C PRO C 117 -14.68 -17.27 -4.39
N PRO C 118 -15.66 -16.92 -5.23
CA PRO C 118 -15.61 -15.64 -5.95
C PRO C 118 -15.88 -14.49 -4.97
N PHE C 119 -15.06 -13.44 -5.07
CA PHE C 119 -15.01 -12.43 -4.01
C PHE C 119 -16.01 -11.29 -4.18
N PHE C 120 -16.64 -11.13 -5.35
CA PHE C 120 -17.35 -9.90 -5.64
C PHE C 120 -18.78 -10.16 -6.12
N LYS C 121 -19.74 -9.45 -5.53
CA LYS C 121 -21.15 -9.59 -5.88
C LYS C 121 -21.47 -9.09 -7.28
N ILE C 131 -11.01 -10.13 -18.28
CA ILE C 131 -10.20 -10.73 -19.36
C ILE C 131 -11.01 -11.73 -20.16
N SER C 132 -11.91 -12.47 -19.52
CA SER C 132 -12.76 -13.42 -20.22
C SER C 132 -14.00 -13.68 -19.39
N LEU C 133 -14.93 -14.45 -19.99
CA LEU C 133 -16.08 -14.94 -19.23
C LEU C 133 -15.64 -15.94 -18.16
N GLU C 134 -14.68 -16.81 -18.50
CA GLU C 134 -14.16 -17.78 -17.52
C GLU C 134 -13.56 -17.08 -16.30
N VAL C 135 -12.82 -15.99 -16.51
CA VAL C 135 -12.16 -15.34 -15.39
C VAL C 135 -13.15 -14.56 -14.55
N ALA C 136 -14.14 -13.92 -15.21
CA ALA C 136 -15.19 -13.22 -14.48
C ALA C 136 -16.14 -14.18 -13.78
N ASN C 137 -16.32 -15.40 -14.33
CA ASN C 137 -17.12 -16.44 -13.68
C ASN C 137 -16.47 -16.96 -12.40
N ALA C 138 -15.22 -16.59 -12.13
CA ALA C 138 -14.47 -17.01 -10.96
C ALA C 138 -14.19 -15.87 -9.97
N ARG C 139 -14.39 -14.61 -10.35
CA ARG C 139 -14.17 -13.48 -9.46
C ARG C 139 -15.45 -12.74 -9.08
N HIS C 140 -16.54 -12.92 -9.84
CA HIS C 140 -17.84 -12.31 -9.55
C HIS C 140 -18.87 -13.39 -9.24
N GLU C 141 -19.84 -13.05 -8.39
CA GLU C 141 -20.92 -13.96 -8.01
C GLU C 141 -21.93 -14.07 -9.17
N ILE C 142 -21.49 -14.67 -10.27
CA ILE C 142 -22.34 -14.83 -11.45
C ILE C 142 -22.95 -16.22 -11.44
N LEU C 143 -22.22 -17.20 -10.89
CA LEU C 143 -22.65 -18.59 -10.87
C LEU C 143 -22.92 -19.14 -9.46
N ILE C 144 -22.70 -18.34 -8.41
CA ILE C 144 -22.77 -18.81 -7.01
C ILE C 144 -22.67 -17.60 -6.08
N THR C 145 -23.35 -17.64 -4.93
CA THR C 145 -23.25 -16.54 -3.96
C THR C 145 -22.69 -17.06 -2.64
N LEU C 146 -22.56 -16.13 -1.70
CA LEU C 146 -22.03 -16.44 -0.37
C LEU C 146 -22.92 -17.40 0.39
N GLU C 147 -24.22 -17.08 0.50
CA GLU C 147 -25.13 -17.98 1.21
C GLU C 147 -25.21 -19.34 0.53
N ASP C 148 -25.18 -19.36 -0.81
CA ASP C 148 -25.17 -20.62 -1.54
C ASP C 148 -23.99 -21.49 -1.12
N ILE C 149 -22.82 -20.87 -0.97
CA ILE C 149 -21.65 -21.65 -0.59
C ILE C 149 -21.78 -22.17 0.82
N ILE C 150 -22.24 -21.32 1.74
CA ILE C 150 -22.38 -21.71 3.13
C ILE C 150 -23.46 -22.77 3.30
N LYS C 151 -24.58 -22.61 2.60
CA LYS C 151 -25.64 -23.61 2.70
C LYS C 151 -25.21 -24.94 2.09
N SER C 152 -24.38 -24.90 1.04
CA SER C 152 -23.91 -26.15 0.43
C SER C 152 -22.85 -26.83 1.28
N ALA C 153 -21.97 -26.05 1.93
CA ALA C 153 -21.07 -26.65 2.90
C ALA C 153 -21.85 -27.40 3.96
N SER C 154 -22.87 -26.78 4.54
CA SER C 154 -23.56 -27.43 5.65
C SER C 154 -24.38 -28.64 5.21
N ARG C 155 -24.77 -28.75 3.94
CA ARG C 155 -25.38 -30.01 3.49
C ARG C 155 -24.36 -31.12 3.27
N CYS C 156 -23.06 -30.82 3.27
CA CYS C 156 -22.03 -31.82 2.99
C CYS C 156 -21.28 -32.28 4.21
N LEU C 157 -21.34 -31.54 5.30
CA LEU C 157 -20.52 -31.85 6.45
C LEU C 157 -21.23 -32.82 7.38
N LYS C 158 -20.44 -33.66 8.03
CA LYS C 158 -20.98 -34.45 9.14
C LYS C 158 -20.95 -33.62 10.42
N ASN C 159 -21.60 -34.16 11.45
CA ASN C 159 -21.58 -33.53 12.76
C ASN C 159 -20.14 -33.22 13.15
N LYS C 160 -19.92 -31.99 13.57
CA LYS C 160 -18.62 -31.50 14.01
C LYS C 160 -17.56 -31.47 12.89
N GLY C 161 -18.00 -31.51 11.61
CA GLY C 161 -17.11 -31.28 10.49
C GLY C 161 -16.77 -29.81 10.29
N ASN C 162 -15.72 -29.57 9.50
CA ASN C 162 -15.07 -28.27 9.44
C ASN C 162 -15.29 -27.59 8.09
N PHE C 163 -15.68 -26.30 8.15
CA PHE C 163 -15.78 -25.45 6.96
C PHE C 163 -14.75 -24.35 7.04
N THR C 164 -13.84 -24.33 6.06
CA THR C 164 -12.77 -23.34 5.96
C THR C 164 -13.04 -22.43 4.76
N ILE C 165 -13.00 -21.11 4.99
CA ILE C 165 -13.18 -20.12 3.93
C ILE C 165 -12.14 -19.02 4.05
N VAL C 166 -11.74 -18.46 2.90
CA VAL C 166 -10.97 -17.22 2.81
C VAL C 166 -11.87 -16.20 2.11
N HIS C 167 -11.86 -14.95 2.59
CA HIS C 167 -12.72 -13.93 1.98
C HIS C 167 -12.19 -12.53 2.30
N ARG C 168 -12.89 -11.53 1.75
CA ARG C 168 -12.62 -10.13 2.04
C ARG C 168 -13.07 -9.77 3.46
N SER C 169 -12.22 -8.98 4.14
CA SER C 169 -12.54 -8.36 5.43
C SER C 169 -13.94 -7.75 5.48
N GLU C 170 -14.30 -6.93 4.49
CA GLU C 170 -15.54 -6.16 4.50
C GLU C 170 -16.75 -7.03 4.76
N ARG C 171 -16.58 -8.35 4.67
CA ARG C 171 -17.71 -9.27 4.75
C ARG C 171 -17.61 -10.23 5.93
N LEU C 172 -16.68 -10.00 6.86
CA LEU C 172 -16.61 -10.81 8.08
C LEU C 172 -17.98 -10.99 8.75
N SER C 173 -18.64 -9.89 9.15
CA SER C 173 -19.86 -10.05 9.93
C SER C 173 -20.92 -10.80 9.15
N GLU C 174 -21.00 -10.55 7.83
CA GLU C 174 -22.00 -11.22 7.01
C GLU C 174 -21.77 -12.73 7.00
N ILE C 175 -20.52 -13.15 7.06
CA ILE C 175 -20.21 -14.57 7.10
C ILE C 175 -20.58 -15.15 8.45
N ILE C 176 -20.21 -14.46 9.53
CA ILE C 176 -20.55 -14.90 10.88
C ILE C 176 -22.06 -15.13 11.02
N ASN C 177 -22.84 -14.11 10.67
CA ASN C 177 -24.28 -14.30 10.69
C ASN C 177 -24.68 -15.49 9.84
N LEU C 178 -24.13 -15.56 8.62
CA LEU C 178 -24.49 -16.63 7.71
C LEU C 178 -24.06 -18.02 8.25
N PHE C 179 -22.92 -18.08 8.95
CA PHE C 179 -22.47 -19.34 9.56
C PHE C 179 -23.52 -19.86 10.53
N TYR C 180 -23.98 -18.99 11.44
CA TYR C 180 -24.99 -19.35 12.45
C TYR C 180 -26.29 -19.81 11.81
N LYS C 181 -26.68 -19.17 10.71
CA LYS C 181 -27.94 -19.51 10.06
C LYS C 181 -27.98 -20.99 9.68
N TYR C 182 -26.85 -21.60 9.38
CA TYR C 182 -26.79 -23.00 8.99
C TYR C 182 -26.00 -23.82 10.00
N ASN C 183 -26.04 -23.38 11.26
CA ASN C 183 -25.55 -24.15 12.41
C ASN C 183 -24.07 -24.48 12.29
N ILE C 184 -23.31 -23.57 11.69
CA ILE C 184 -21.84 -23.63 11.71
C ILE C 184 -21.36 -22.65 12.77
N TYR C 185 -20.64 -23.15 13.77
CA TYR C 185 -20.15 -22.28 14.83
C TYR C 185 -18.76 -21.81 14.45
N PRO C 186 -18.55 -20.51 14.27
CA PRO C 186 -17.20 -20.01 13.93
C PRO C 186 -16.21 -20.38 15.03
N LYS C 187 -14.98 -20.68 14.63
CA LYS C 187 -13.95 -21.01 15.62
C LYS C 187 -12.68 -20.21 15.41
N ARG C 188 -11.89 -20.54 14.40
CA ARG C 188 -10.58 -19.93 14.23
C ARG C 188 -10.64 -18.78 13.21
N LEU C 189 -10.19 -17.60 13.63
CA LEU C 189 -10.14 -16.43 12.76
C LEU C 189 -8.71 -15.96 12.64
N ARG C 190 -8.30 -15.67 11.40
CA ARG C 190 -6.96 -15.18 11.10
C ARG C 190 -7.07 -13.91 10.27
N LEU C 191 -6.55 -12.81 10.79
CA LEU C 191 -6.51 -11.56 10.06
C LEU C 191 -5.28 -11.51 9.15
N ILE C 192 -5.47 -11.02 7.92
CA ILE C 192 -4.38 -10.92 6.95
C ILE C 192 -4.17 -9.45 6.58
N GLN C 193 -3.00 -8.92 6.95
CA GLN C 193 -2.68 -7.51 6.77
C GLN C 193 -1.50 -7.37 5.82
N SER C 194 -1.60 -6.43 4.87
CA SER C 194 -0.52 -6.19 3.92
C SER C 194 0.75 -5.74 4.62
N LYS C 195 0.76 -4.54 5.20
CA LYS C 195 1.90 -4.09 5.98
C LYS C 195 1.44 -3.82 7.41
N LYS C 196 2.42 -3.69 8.31
CA LYS C 196 2.10 -3.51 9.72
C LYS C 196 1.19 -2.31 9.99
N THR C 197 0.99 -1.41 9.03
CA THR C 197 0.15 -0.24 9.25
C THR C 197 -1.11 -0.26 8.41
N ASP C 198 -1.37 -1.35 7.71
CA ASP C 198 -2.51 -1.37 6.80
C ASP C 198 -3.71 -2.01 7.47
N ASN C 199 -4.89 -1.70 6.93
CA ASN C 199 -6.11 -2.35 7.37
C ASN C 199 -6.23 -3.69 6.65
N ALA C 200 -6.18 -4.78 7.42
CA ALA C 200 -6.40 -6.12 6.89
C ALA C 200 -7.58 -6.15 5.92
N LYS C 201 -7.34 -6.62 4.70
CA LYS C 201 -8.43 -6.78 3.76
C LYS C 201 -8.74 -8.24 3.44
N MET C 202 -8.17 -9.19 4.21
CA MET C 202 -8.46 -10.61 3.99
C MET C 202 -8.55 -11.34 5.31
N ILE C 203 -9.51 -12.26 5.40
CA ILE C 203 -9.73 -13.06 6.59
C ILE C 203 -9.72 -14.53 6.22
N LEU C 204 -9.16 -15.33 7.11
CA LEU C 204 -9.30 -16.77 7.08
C LEU C 204 -10.29 -17.14 8.18
N LEU C 205 -11.38 -17.82 7.83
CA LEU C 205 -12.38 -18.19 8.82
C LEU C 205 -12.65 -19.70 8.81
N ASP C 206 -12.70 -20.27 10.01
CA ASP C 206 -12.98 -21.68 10.25
C ASP C 206 -14.31 -21.82 10.99
N GLY C 207 -15.14 -22.76 10.56
CA GLY C 207 -16.35 -23.09 11.29
C GLY C 207 -16.51 -24.58 11.50
N ILE C 208 -17.14 -24.94 12.62
CA ILE C 208 -17.51 -26.32 12.94
C ILE C 208 -19.02 -26.45 12.90
N TYR C 209 -19.51 -27.31 12.00
CA TYR C 209 -20.93 -27.61 11.88
C TYR C 209 -21.46 -28.29 13.13
N GLN C 210 -22.66 -27.89 13.55
CA GLN C 210 -23.34 -28.47 14.72
C GLN C 210 -22.37 -28.63 15.88
N GLY C 211 -21.49 -27.65 16.02
CA GLY C 211 -20.47 -27.61 17.05
C GLY C 211 -20.93 -26.82 18.24
N ASN C 212 -19.99 -26.06 18.83
CA ASN C 212 -20.24 -25.32 20.06
C ASN C 212 -19.66 -23.92 19.92
N GLU C 213 -20.17 -22.98 20.72
CA GLU C 213 -19.75 -21.59 20.60
C GLU C 213 -18.38 -21.39 21.22
N GLY C 214 -17.63 -20.40 20.71
CA GLY C 214 -16.30 -20.08 21.19
C GLY C 214 -15.23 -19.97 20.10
N MET C 215 -14.49 -18.87 20.10
CA MET C 215 -13.68 -18.46 18.96
C MET C 215 -12.22 -18.27 19.36
N GLU C 216 -11.31 -18.75 18.52
CA GLU C 216 -9.87 -18.61 18.68
C GLU C 216 -9.34 -17.68 17.60
N ILE C 217 -8.70 -16.58 18.01
CA ILE C 217 -8.28 -15.54 17.07
C ILE C 217 -6.76 -15.59 16.96
N LEU C 218 -6.27 -16.10 15.82
CA LEU C 218 -4.86 -16.39 15.62
C LEU C 218 -4.05 -15.11 15.40
N PRO C 219 -2.72 -15.15 15.60
CA PRO C 219 -1.95 -13.91 15.48
C PRO C 219 -2.09 -13.34 14.09
N THR C 220 -2.10 -12.01 14.01
CA THR C 220 -2.29 -11.36 12.73
C THR C 220 -1.08 -11.60 11.83
N LEU C 221 -1.34 -11.96 10.58
CA LEU C 221 -0.29 -12.20 9.60
C LEU C 221 -0.04 -10.94 8.79
N ILE C 222 1.22 -10.47 8.76
CA ILE C 222 1.62 -9.34 7.92
C ILE C 222 2.41 -9.85 6.72
N THR C 223 2.03 -9.43 5.52
CA THR C 223 2.57 -10.01 4.29
C THR C 223 3.74 -9.24 3.65
N HIS C 224 4.02 -8.00 4.06
CA HIS C 224 5.09 -7.23 3.42
C HIS C 224 5.82 -6.39 4.45
N ASN C 225 7.15 -6.53 4.51
CA ASN C 225 7.93 -5.51 5.19
C ASN C 225 7.69 -4.17 4.50
N ASP C 226 8.11 -3.09 5.16
CA ASP C 226 7.77 -1.78 4.61
C ASP C 226 8.43 -1.49 3.26
N ASP C 227 9.47 -2.25 2.88
CA ASP C 227 10.13 -2.05 1.59
C ASP C 227 9.54 -2.88 0.44
N GLU C 228 8.31 -3.37 0.59
CA GLU C 228 7.58 -4.14 -0.43
C GLU C 228 8.10 -5.56 -0.66
N THR C 229 8.98 -6.09 0.19
CA THR C 229 9.33 -7.49 0.12
C THR C 229 8.40 -8.32 1.00
N TYR C 230 8.22 -9.60 0.63
CA TYR C 230 7.43 -10.53 1.42
C TYR C 230 8.07 -10.74 2.79
N THR C 231 7.22 -10.80 3.82
CA THR C 231 7.72 -11.03 5.16
C THR C 231 8.20 -12.47 5.31
N ASP C 232 9.03 -12.70 6.33
CA ASP C 232 9.52 -14.05 6.54
C ASP C 232 8.42 -14.98 7.04
N GLU C 233 7.40 -14.43 7.72
CA GLU C 233 6.29 -15.25 8.20
C GLU C 233 5.35 -15.65 7.08
N LEU C 234 5.29 -14.85 6.00
CA LEU C 234 4.47 -15.24 4.86
C LEU C 234 5.15 -16.31 4.02
N LEU C 235 6.46 -16.19 3.81
CA LEU C 235 7.16 -17.17 2.98
C LEU C 235 7.19 -18.55 3.64
N LYS C 236 6.94 -18.65 4.95
CA LYS C 236 6.82 -19.95 5.59
C LYS C 236 5.72 -20.78 4.97
N TYR C 237 4.76 -20.14 4.31
CA TYR C 237 3.67 -20.80 3.62
C TYR C 237 3.97 -21.07 2.15
N PHE C 238 5.07 -20.52 1.62
CA PHE C 238 5.38 -20.63 0.19
C PHE C 238 5.89 -22.00 -0.20
N HIS C 239 6.29 -22.81 0.77
CA HIS C 239 6.99 -24.08 0.52
C HIS C 239 6.56 -25.09 1.59
N ASP C 240 7.31 -26.20 1.66
CA ASP C 240 7.13 -27.21 2.71
C ASP C 240 8.43 -27.42 3.50
N MET D 1 -9.31 2.48 50.67
CA MET D 1 -8.53 3.70 50.56
C MET D 1 -8.71 4.32 49.18
N LYS D 2 -9.08 5.61 49.15
CA LYS D 2 -9.36 6.33 47.90
C LYS D 2 -8.12 7.16 47.52
N VAL D 3 -7.25 6.57 46.69
CA VAL D 3 -5.97 7.17 46.31
C VAL D 3 -6.17 8.10 45.11
N LEU D 4 -5.58 9.29 45.19
CA LEU D 4 -5.74 10.30 44.15
C LEU D 4 -4.51 10.31 43.26
N ASN D 5 -4.50 9.44 42.26
CA ASN D 5 -3.45 9.44 41.27
C ASN D 5 -3.94 10.09 39.98
N ASP D 6 -3.04 10.21 39.01
CA ASP D 6 -3.34 10.85 37.74
C ASP D 6 -3.67 9.82 36.68
N LEU D 7 -4.34 10.30 35.63
CA LEU D 7 -4.80 9.45 34.53
C LEU D 7 -3.72 9.42 33.45
N LEU D 8 -2.69 8.61 33.69
CA LEU D 8 -1.53 8.48 32.81
C LEU D 8 -1.03 9.89 32.51
N GLY D 9 -0.89 10.29 31.23
CA GLY D 9 -0.35 11.60 30.91
C GLY D 9 -1.37 12.47 30.23
N TYR D 10 -2.65 12.20 30.45
CA TYR D 10 -3.70 13.07 29.94
C TYR D 10 -3.76 14.34 30.78
N LYS D 11 -3.62 15.49 30.12
CA LYS D 11 -3.53 16.76 30.83
C LYS D 11 -4.82 17.06 31.60
N ASN D 12 -4.66 17.71 32.75
CA ASN D 12 -5.77 18.23 33.56
C ASN D 12 -6.76 17.13 33.96
N ARG D 13 -6.30 15.89 34.10
CA ARG D 13 -7.14 14.77 34.50
C ARG D 13 -6.51 14.03 35.66
N LYS D 14 -7.27 13.86 36.74
CA LYS D 14 -6.87 13.01 37.86
C LYS D 14 -8.12 12.30 38.38
N LEU D 15 -7.92 11.22 39.13
CA LEU D 15 -9.02 10.35 39.48
C LEU D 15 -8.77 9.67 40.83
N TYR D 16 -9.85 9.42 41.55
CA TYR D 16 -9.81 8.67 42.81
C TYR D 16 -10.14 7.21 42.53
N GLN D 17 -9.48 6.33 43.28
CA GLN D 17 -9.67 4.90 43.10
C GLN D 17 -9.55 4.22 44.45
N ASP D 18 -10.41 3.21 44.68
CA ASP D 18 -10.46 2.48 45.93
C ASP D 18 -9.93 1.06 45.75
N ASN D 19 -9.17 0.60 46.75
CA ASN D 19 -8.49 -0.70 46.71
C ASN D 19 -9.42 -1.90 46.84
N LYS D 20 -10.73 -1.72 47.01
CA LYS D 20 -11.66 -2.85 47.06
C LYS D 20 -12.70 -2.80 45.95
N MET D 21 -12.58 -1.84 45.02
CA MET D 21 -13.47 -1.75 43.87
C MET D 21 -12.64 -1.68 42.60
N PHE D 22 -13.30 -2.00 41.48
CA PHE D 22 -12.63 -2.11 40.18
C PHE D 22 -11.77 -0.89 39.89
N ASN D 23 -10.51 -1.14 39.54
CA ASN D 23 -9.59 -0.12 39.08
C ASN D 23 -9.44 -0.20 37.57
N PHE D 24 -9.37 0.96 36.92
CA PHE D 24 -9.31 1.01 35.46
C PHE D 24 -8.19 0.15 34.90
N THR D 25 -8.50 -0.64 33.87
CA THR D 25 -7.52 -1.46 33.19
C THR D 25 -7.04 -0.75 31.94
N LEU D 26 -6.33 -1.48 31.08
CA LEU D 26 -5.98 -0.92 29.79
C LEU D 26 -7.17 -0.96 28.84
N ASP D 27 -8.02 -1.99 28.95
CA ASP D 27 -9.22 -2.08 28.11
C ASP D 27 -10.09 -0.85 28.25
N SER D 28 -9.93 -0.10 29.34
CA SER D 28 -10.72 1.13 29.52
C SER D 28 -10.17 2.27 28.70
N VAL D 29 -8.87 2.55 28.83
CA VAL D 29 -8.27 3.62 28.04
C VAL D 29 -8.43 3.33 26.56
N LEU D 30 -8.09 2.11 26.14
CA LEU D 30 -8.22 1.71 24.75
C LEU D 30 -9.64 1.96 24.23
N VAL D 31 -10.65 1.32 24.85
CA VAL D 31 -12.02 1.48 24.38
C VAL D 31 -12.46 2.93 24.43
N ALA D 32 -11.79 3.76 25.25
CA ALA D 32 -12.10 5.19 25.25
C ALA D 32 -11.53 5.85 24.00
N ARG D 33 -10.29 5.50 23.65
CA ARG D 33 -9.62 6.07 22.49
C ARG D 33 -10.11 5.47 21.18
N PHE D 34 -10.92 4.43 21.23
CA PHE D 34 -11.42 3.78 20.03
C PHE D 34 -12.69 4.42 19.48
N CYS D 35 -13.47 5.09 20.34
CA CYS D 35 -14.75 5.69 19.96
C CYS D 35 -14.56 6.77 18.90
N ASN D 36 -15.38 6.72 17.86
CA ASN D 36 -15.33 7.74 16.83
C ASN D 36 -16.11 8.97 17.28
N LEU D 37 -15.38 10.06 17.50
CA LEU D 37 -15.97 11.30 17.97
C LEU D 37 -15.98 12.27 16.79
N ASN D 38 -17.01 12.17 15.97
CA ASN D 38 -17.31 13.23 15.02
C ASN D 38 -18.26 14.24 15.69
N SER D 39 -18.35 15.41 15.08
CA SER D 39 -19.07 16.49 15.75
C SER D 39 -20.54 16.13 15.99
N LYS D 40 -21.12 15.25 15.16
CA LYS D 40 -22.51 14.85 15.33
C LYS D 40 -22.75 14.00 16.58
N LYS D 41 -21.69 13.67 17.33
CA LYS D 41 -21.84 12.98 18.62
C LYS D 41 -22.09 14.05 19.67
N LYS D 42 -23.37 14.28 20.01
CA LYS D 42 -23.74 15.30 20.99
C LYS D 42 -24.11 14.76 22.37
N LYS D 43 -24.80 13.63 22.47
CA LYS D 43 -25.14 13.05 23.78
C LYS D 43 -24.61 11.62 23.87
N ILE D 44 -23.59 11.42 24.70
CA ILE D 44 -22.95 10.14 24.90
C ILE D 44 -23.47 9.52 26.19
N CYS D 45 -23.32 8.20 26.31
CA CYS D 45 -23.77 7.49 27.52
C CYS D 45 -22.88 6.28 27.75
N ASP D 46 -22.08 6.32 28.81
CA ASP D 46 -21.17 5.22 29.13
C ASP D 46 -21.84 4.27 30.12
N PHE D 47 -21.96 3.00 29.72
CA PHE D 47 -22.63 1.98 30.53
C PHE D 47 -21.64 1.38 31.52
N GLY D 48 -21.97 1.47 32.81
CA GLY D 48 -21.13 1.00 33.89
C GLY D 48 -19.90 1.85 34.12
N THR D 49 -20.06 3.18 34.21
CA THR D 49 -18.92 4.11 34.21
C THR D 49 -17.97 3.92 35.40
N ASN D 50 -18.43 3.32 36.50
CA ASN D 50 -17.61 3.11 37.69
C ASN D 50 -16.93 4.41 38.17
N ASN D 51 -15.59 4.46 38.14
CA ASN D 51 -14.87 5.67 38.50
C ASN D 51 -15.06 6.80 37.48
N ALA D 52 -15.75 6.53 36.38
CA ALA D 52 -15.98 7.48 35.29
C ALA D 52 -14.71 7.82 34.52
N VAL D 53 -13.78 6.87 34.36
CA VAL D 53 -12.54 7.19 33.64
C VAL D 53 -12.81 7.42 32.16
N ILE D 54 -13.61 6.53 31.55
CA ILE D 54 -13.94 6.72 30.13
C ILE D 54 -14.64 8.06 29.89
N PRO D 55 -15.65 8.47 30.67
CA PRO D 55 -16.15 9.85 30.52
C PRO D 55 -15.08 10.91 30.73
N LEU D 56 -14.08 10.63 31.58
CA LEU D 56 -13.00 11.59 31.79
C LEU D 56 -12.13 11.74 30.55
N ILE D 57 -11.67 10.63 29.98
CA ILE D 57 -10.83 10.66 28.78
C ILE D 57 -11.62 11.17 27.59
N LEU D 58 -12.86 10.69 27.44
CA LEU D 58 -13.69 11.11 26.31
C LEU D 58 -13.85 12.63 26.29
N SER D 59 -14.11 13.24 27.45
CA SER D 59 -14.33 14.68 27.50
C SER D 59 -13.07 15.45 27.10
N LYS D 60 -11.90 14.81 27.11
CA LYS D 60 -10.65 15.43 26.65
C LYS D 60 -10.59 15.58 25.14
N TYR D 61 -11.65 15.23 24.41
CA TYR D 61 -11.60 15.23 22.95
C TYR D 61 -12.86 15.87 22.36
N THR D 62 -14.02 15.62 22.95
CA THR D 62 -15.27 16.20 22.50
C THR D 62 -15.82 17.20 23.53
N LYS D 63 -16.92 17.86 23.18
CA LYS D 63 -17.62 18.76 24.08
C LYS D 63 -19.07 18.35 24.27
N ALA D 64 -19.33 17.04 24.21
CA ALA D 64 -20.69 16.49 24.28
C ALA D 64 -21.12 16.18 25.71
N LYS D 65 -22.41 16.35 25.99
CA LYS D 65 -22.96 15.92 27.26
C LYS D 65 -22.77 14.41 27.40
N ILE D 66 -22.24 13.97 28.53
CA ILE D 66 -21.97 12.56 28.75
C ILE D 66 -22.68 12.09 30.00
N ILE D 67 -23.34 10.94 29.91
CA ILE D 67 -24.08 10.34 31.01
C ILE D 67 -23.35 9.07 31.42
N GLY D 68 -23.01 8.95 32.70
CA GLY D 68 -22.47 7.72 33.24
C GLY D 68 -23.53 7.00 34.05
N VAL D 69 -23.70 5.72 33.77
CA VAL D 69 -24.73 4.90 34.41
C VAL D 69 -24.04 3.76 35.14
N GLU D 70 -24.00 3.86 36.48
CA GLU D 70 -23.40 2.85 37.34
C GLU D 70 -24.44 2.32 38.32
N ILE D 71 -24.41 1.01 38.58
CA ILE D 71 -25.37 0.38 39.50
C ILE D 71 -24.89 0.40 40.95
N GLN D 72 -23.60 0.19 41.20
CA GLN D 72 -23.10 0.15 42.56
C GLN D 72 -22.91 1.59 43.06
N ASN D 73 -23.46 1.89 44.24
CA ASN D 73 -23.54 3.28 44.66
C ASN D 73 -22.22 3.86 45.15
N LYS D 74 -21.32 3.02 45.65
CA LYS D 74 -19.98 3.50 45.99
C LYS D 74 -19.29 4.09 44.77
N ALA D 75 -19.29 3.36 43.66
CA ALA D 75 -18.73 3.86 42.41
C ALA D 75 -19.38 5.19 42.01
N VAL D 76 -20.70 5.28 42.11
CA VAL D 76 -21.38 6.55 41.85
C VAL D 76 -20.75 7.67 42.66
N GLU D 77 -20.46 7.40 43.93
CA GLU D 77 -19.95 8.44 44.83
C GLU D 77 -18.61 8.97 44.34
N ILE D 78 -17.64 8.08 44.09
CA ILE D 78 -16.33 8.55 43.64
C ILE D 78 -16.42 9.18 42.25
N ALA D 79 -17.23 8.58 41.37
CA ALA D 79 -17.50 9.14 40.06
C ALA D 79 -17.83 10.63 40.16
N ASN D 80 -18.92 10.93 40.87
CA ASN D 80 -19.31 12.32 41.10
C ASN D 80 -18.18 13.10 41.77
N GLU D 81 -17.40 12.46 42.64
CA GLU D 81 -16.24 13.11 43.21
C GLU D 81 -15.22 13.47 42.13
N ASN D 82 -14.82 12.47 41.31
CA ASN D 82 -13.85 12.69 40.23
C ASN D 82 -14.32 13.78 39.28
N ILE D 83 -15.58 13.73 38.87
CA ILE D 83 -16.13 14.76 37.98
C ILE D 83 -15.93 16.14 38.59
N LYS D 84 -16.30 16.30 39.87
CA LYS D 84 -16.12 17.57 40.56
C LYS D 84 -14.64 17.96 40.65
N LEU D 85 -13.79 16.99 41.02
CA LEU D 85 -12.35 17.25 41.14
C LEU D 85 -11.72 17.71 39.84
N ASN D 86 -12.37 17.46 38.70
CA ASN D 86 -11.87 17.91 37.41
C ASN D 86 -12.69 19.05 36.79
N GLY D 87 -13.81 19.45 37.40
CA GLY D 87 -14.58 20.56 36.88
C GLY D 87 -15.42 20.24 35.65
N LEU D 88 -16.06 19.07 35.61
CA LEU D 88 -16.83 18.63 34.45
C LEU D 88 -18.31 18.37 34.76
N GLU D 89 -18.81 18.82 35.93
CA GLU D 89 -20.20 18.57 36.32
C GLU D 89 -21.20 19.14 35.32
N ASP D 90 -20.75 20.02 34.43
CA ASP D 90 -21.62 20.50 33.36
C ASP D 90 -21.66 19.54 32.20
N GLN D 91 -20.54 18.90 31.88
CA GLN D 91 -20.43 18.03 30.72
C GLN D 91 -20.73 16.57 31.02
N ILE D 92 -20.63 16.16 32.29
CA ILE D 92 -20.81 14.76 32.67
C ILE D 92 -21.71 14.66 33.88
N GLU D 93 -22.95 14.22 33.67
CA GLU D 93 -23.81 13.82 34.77
C GLU D 93 -23.67 12.32 34.99
N ILE D 94 -23.81 11.90 36.24
CA ILE D 94 -23.70 10.49 36.63
C ILE D 94 -25.06 10.07 37.16
N VAL D 95 -25.58 8.95 36.66
CA VAL D 95 -26.84 8.42 37.11
C VAL D 95 -26.57 7.12 37.85
N HIS D 96 -27.24 6.94 38.99
CA HIS D 96 -27.15 5.70 39.75
C HIS D 96 -28.35 4.86 39.33
N ALA D 97 -28.13 4.02 38.31
CA ALA D 97 -29.20 3.23 37.70
C ALA D 97 -28.69 1.84 37.36
N ASP D 98 -29.63 0.97 37.02
CA ASP D 98 -29.35 -0.26 36.28
C ASP D 98 -29.53 0.07 34.80
N ILE D 99 -28.54 -0.30 33.98
CA ILE D 99 -28.64 -0.08 32.54
C ILE D 99 -29.96 -0.60 32.00
N LYS D 100 -30.37 -1.78 32.46
CA LYS D 100 -31.54 -2.45 31.89
C LYS D 100 -32.79 -1.60 32.00
N GLU D 101 -32.89 -0.77 33.04
CA GLU D 101 -34.04 0.11 33.21
C GLU D 101 -33.79 1.54 32.74
N PHE D 102 -32.57 2.07 32.93
CA PHE D 102 -32.26 3.40 32.39
C PHE D 102 -32.50 3.47 30.90
N SER D 103 -32.25 2.36 30.19
CA SER D 103 -32.41 2.35 28.73
C SER D 103 -33.87 2.58 28.33
N LYS D 104 -34.82 1.97 29.04
CA LYS D 104 -36.23 2.06 28.67
C LYS D 104 -36.79 3.46 28.78
N LEU D 105 -36.15 4.32 29.58
CA LEU D 105 -36.59 5.69 29.80
C LEU D 105 -35.84 6.69 28.95
N HIS D 106 -34.97 6.22 28.07
CA HIS D 106 -34.15 7.12 27.27
C HIS D 106 -34.07 6.60 25.84
N ASN D 107 -35.21 6.34 25.23
CA ASN D 107 -35.25 5.93 23.82
C ASN D 107 -34.69 7.03 22.93
N GLN D 108 -33.97 6.61 21.88
CA GLN D 108 -33.39 7.51 20.88
C GLN D 108 -32.87 8.79 21.50
N GLU D 109 -31.98 8.64 22.48
CA GLU D 109 -31.49 9.78 23.23
C GLU D 109 -29.98 9.96 23.12
N PHE D 110 -29.29 9.09 22.39
CA PHE D 110 -27.84 9.16 22.30
C PHE D 110 -27.38 8.75 20.91
N ASP D 111 -26.33 9.42 20.42
CA ASP D 111 -25.64 9.01 19.20
C ASP D 111 -24.40 8.16 19.47
N LEU D 112 -23.99 8.01 20.73
CA LEU D 112 -22.88 7.16 21.13
C LEU D 112 -23.22 6.51 22.45
N VAL D 113 -23.09 5.18 22.52
CA VAL D 113 -23.20 4.40 23.75
C VAL D 113 -21.94 3.55 23.84
N VAL D 114 -21.05 3.87 24.79
CA VAL D 114 -19.78 3.16 24.97
C VAL D 114 -19.90 2.31 26.22
N CYS D 115 -19.19 1.18 26.23
CA CYS D 115 -19.34 0.28 27.36
C CYS D 115 -18.12 -0.63 27.46
N ASN D 116 -17.52 -0.67 28.65
CA ASN D 116 -16.61 -1.73 29.02
C ASN D 116 -17.37 -2.70 29.91
N PRO D 117 -17.70 -3.91 29.45
CA PRO D 117 -18.62 -4.78 30.21
C PRO D 117 -17.87 -5.80 31.06
N PRO D 118 -18.55 -6.37 32.06
CA PRO D 118 -18.02 -7.57 32.72
C PRO D 118 -17.69 -8.64 31.68
N PHE D 119 -16.51 -9.23 31.81
CA PHE D 119 -16.06 -10.07 30.72
C PHE D 119 -16.53 -11.52 30.83
N PHE D 120 -16.74 -12.03 32.04
CA PHE D 120 -16.86 -13.46 32.27
C PHE D 120 -18.31 -13.91 32.45
N LYS D 121 -18.65 -15.03 31.83
CA LYS D 121 -19.94 -15.65 31.98
C LYS D 121 -19.95 -16.55 33.23
N ILE D 131 -12.40 -12.50 45.81
CA ILE D 131 -12.00 -11.13 46.12
C ILE D 131 -13.18 -10.37 46.69
N SER D 132 -13.16 -9.04 46.62
CA SER D 132 -14.30 -8.26 47.05
C SER D 132 -15.52 -8.60 46.22
N LEU D 133 -16.69 -8.25 46.73
CA LEU D 133 -17.91 -8.54 46.00
C LEU D 133 -18.32 -7.41 45.07
N GLU D 134 -17.97 -6.16 45.42
CA GLU D 134 -18.06 -5.08 44.44
C GLU D 134 -17.21 -5.37 43.22
N VAL D 135 -16.03 -5.96 43.43
CA VAL D 135 -15.17 -6.33 42.31
C VAL D 135 -15.81 -7.45 41.50
N ALA D 136 -16.42 -8.43 42.18
CA ALA D 136 -17.03 -9.55 41.48
C ALA D 136 -18.16 -9.11 40.55
N ASN D 137 -18.92 -8.06 40.91
CA ASN D 137 -20.01 -7.57 40.08
C ASN D 137 -19.54 -6.71 38.91
N ALA D 138 -18.32 -6.17 38.97
CA ALA D 138 -17.69 -5.46 37.87
C ALA D 138 -16.80 -6.36 37.02
N ARG D 139 -16.76 -7.64 37.31
CA ARG D 139 -16.00 -8.58 36.50
C ARG D 139 -16.82 -9.74 35.98
N HIS D 140 -18.05 -9.94 36.49
CA HIS D 140 -18.84 -11.14 36.19
C HIS D 140 -20.26 -10.76 35.79
N GLU D 141 -20.88 -11.64 34.98
CA GLU D 141 -22.25 -11.44 34.51
C GLU D 141 -23.29 -11.67 35.61
N ILE D 142 -22.98 -11.24 36.83
CA ILE D 142 -23.93 -11.33 37.93
C ILE D 142 -25.03 -10.28 37.78
N LEU D 143 -24.65 -9.02 37.61
CA LEU D 143 -25.61 -7.92 37.55
C LEU D 143 -26.07 -7.58 36.13
N ILE D 144 -25.32 -7.96 35.08
CA ILE D 144 -25.75 -7.78 33.70
C ILE D 144 -25.09 -8.81 32.81
N THR D 145 -25.80 -9.23 31.76
CA THR D 145 -25.27 -10.12 30.74
C THR D 145 -24.88 -9.34 29.48
N LEU D 146 -24.17 -10.04 28.60
CA LEU D 146 -23.77 -9.41 27.35
C LEU D 146 -24.97 -9.05 26.49
N GLU D 147 -26.03 -9.87 26.53
CA GLU D 147 -27.20 -9.54 25.72
C GLU D 147 -27.89 -8.28 26.22
N ASP D 148 -28.03 -8.13 27.54
CA ASP D 148 -28.73 -6.98 28.09
C ASP D 148 -27.97 -5.69 27.84
N ILE D 149 -26.66 -5.76 27.60
CA ILE D 149 -25.91 -4.58 27.21
C ILE D 149 -26.27 -4.17 25.79
N ILE D 150 -26.28 -5.12 24.87
CA ILE D 150 -26.54 -4.80 23.47
C ILE D 150 -28.00 -4.43 23.26
N LYS D 151 -28.92 -5.15 23.91
CA LYS D 151 -30.34 -4.85 23.75
C LYS D 151 -30.69 -3.50 24.39
N SER D 152 -30.07 -3.18 25.52
CA SER D 152 -30.30 -1.87 26.11
C SER D 152 -29.74 -0.77 25.21
N ALA D 153 -28.62 -1.01 24.54
CA ALA D 153 -28.06 0.00 23.65
C ALA D 153 -29.01 0.33 22.50
N SER D 154 -29.69 -0.68 21.97
CA SER D 154 -30.61 -0.43 20.87
C SER D 154 -31.88 0.28 21.32
N ARG D 155 -32.21 0.24 22.61
CA ARG D 155 -33.37 0.96 23.13
C ARG D 155 -33.07 2.41 23.49
N CYS D 156 -31.83 2.87 23.40
CA CYS D 156 -31.53 4.23 23.79
C CYS D 156 -30.55 4.90 22.85
N LEU D 157 -30.34 4.33 21.68
CA LEU D 157 -29.50 4.89 20.65
C LEU D 157 -30.38 5.53 19.59
N LYS D 158 -29.96 6.68 19.09
CA LYS D 158 -30.70 7.25 17.99
C LYS D 158 -30.39 6.46 16.72
N ASN D 159 -31.33 6.51 15.77
CA ASN D 159 -31.12 5.93 14.45
C ASN D 159 -29.81 6.46 13.85
N LYS D 160 -28.94 5.52 13.46
CA LYS D 160 -27.58 5.70 12.94
C LYS D 160 -26.57 6.03 14.04
N GLY D 161 -26.92 5.83 15.33
CA GLY D 161 -25.98 6.01 16.41
C GLY D 161 -25.04 4.81 16.61
N ASN D 162 -24.00 5.05 17.41
CA ASN D 162 -22.79 4.22 17.48
C ASN D 162 -22.70 3.49 18.82
N PHE D 163 -22.72 2.15 18.79
CA PHE D 163 -22.44 1.33 19.97
C PHE D 163 -21.00 0.80 19.91
N THR D 164 -20.23 1.03 20.99
CA THR D 164 -18.81 0.72 21.07
C THR D 164 -18.57 -0.20 22.26
N ILE D 165 -17.79 -1.27 22.07
CA ILE D 165 -17.61 -2.26 23.13
C ILE D 165 -16.23 -2.90 23.04
N VAL D 166 -15.70 -3.29 24.20
CA VAL D 166 -14.45 -4.03 24.31
C VAL D 166 -14.77 -5.34 25.02
N HIS D 167 -14.31 -6.45 24.46
CA HIS D 167 -14.64 -7.72 25.07
C HIS D 167 -13.53 -8.71 24.74
N ARG D 168 -13.82 -10.00 24.89
CA ARG D 168 -12.83 -11.03 24.67
C ARG D 168 -12.98 -11.67 23.29
N SER D 169 -11.85 -12.13 22.75
CA SER D 169 -11.83 -12.67 21.39
C SER D 169 -12.77 -13.86 21.22
N GLU D 170 -12.95 -14.67 22.26
CA GLU D 170 -13.82 -15.84 22.17
C GLU D 170 -15.27 -15.46 21.92
N ARG D 171 -15.68 -14.29 22.40
CA ARG D 171 -17.08 -13.88 22.31
C ARG D 171 -17.38 -13.02 21.10
N LEU D 172 -16.42 -12.84 20.20
CA LEU D 172 -16.60 -11.95 19.06
C LEU D 172 -17.78 -12.39 18.19
N SER D 173 -17.82 -13.67 17.80
CA SER D 173 -18.93 -14.09 16.95
C SER D 173 -20.25 -13.97 17.69
N GLU D 174 -20.24 -14.22 19.01
CA GLU D 174 -21.46 -14.11 19.79
C GLU D 174 -21.95 -12.66 19.81
N ILE D 175 -21.04 -11.72 20.09
CA ILE D 175 -21.38 -10.30 20.09
C ILE D 175 -21.90 -9.88 18.73
N ILE D 176 -21.19 -10.27 17.67
CA ILE D 176 -21.57 -9.83 16.32
C ILE D 176 -23.01 -10.25 16.02
N ASN D 177 -23.36 -11.49 16.32
CA ASN D 177 -24.71 -11.91 16.02
C ASN D 177 -25.74 -11.41 17.02
N LEU D 178 -25.30 -10.91 18.19
CA LEU D 178 -26.22 -10.17 19.07
C LEU D 178 -26.51 -8.78 18.51
N PHE D 179 -25.48 -8.11 17.99
CA PHE D 179 -25.66 -6.91 17.16
C PHE D 179 -26.77 -7.10 16.12
N TYR D 180 -26.63 -8.13 15.27
CA TYR D 180 -27.59 -8.33 14.19
C TYR D 180 -29.01 -8.56 14.70
N LYS D 181 -29.14 -9.17 15.88
CA LYS D 181 -30.47 -9.45 16.42
C LYS D 181 -31.18 -8.18 16.87
N TYR D 182 -30.41 -7.15 17.25
CA TYR D 182 -30.97 -5.87 17.67
C TYR D 182 -30.65 -4.75 16.67
N ASN D 183 -30.59 -5.10 15.38
CA ASN D 183 -30.49 -4.15 14.27
C ASN D 183 -29.32 -3.18 14.42
N ILE D 184 -28.21 -3.68 14.94
CA ILE D 184 -26.95 -2.94 15.03
C ILE D 184 -25.95 -3.60 14.08
N TYR D 185 -25.36 -2.80 13.17
CA TYR D 185 -24.50 -3.33 12.12
C TYR D 185 -23.04 -3.17 12.52
N PRO D 186 -22.28 -4.26 12.71
CA PRO D 186 -20.86 -4.12 13.05
C PRO D 186 -20.13 -3.27 12.03
N LYS D 187 -19.17 -2.48 12.50
CA LYS D 187 -18.58 -1.44 11.66
C LYS D 187 -17.06 -1.39 11.71
N ARG D 188 -16.48 -0.86 12.78
CA ARG D 188 -15.04 -0.92 12.97
C ARG D 188 -14.70 -2.04 13.93
N LEU D 189 -13.62 -2.77 13.62
CA LEU D 189 -13.07 -3.79 14.50
C LEU D 189 -11.58 -3.54 14.66
N ARG D 190 -11.01 -3.92 15.80
CA ARG D 190 -9.57 -3.80 16.00
C ARG D 190 -9.11 -4.85 17.01
N LEU D 191 -8.22 -5.75 16.59
CA LEU D 191 -7.73 -6.76 17.50
C LEU D 191 -6.71 -6.17 18.46
N ILE D 192 -6.56 -6.83 19.60
CA ILE D 192 -5.49 -6.52 20.55
C ILE D 192 -4.73 -7.81 20.83
N GLN D 193 -3.41 -7.75 20.70
CA GLN D 193 -2.52 -8.84 21.04
C GLN D 193 -1.46 -8.33 22.03
N SER D 194 -1.07 -9.21 22.94
CA SER D 194 0.02 -8.88 23.86
C SER D 194 1.38 -8.89 23.15
N LYS D 195 1.61 -9.86 22.27
CA LYS D 195 2.85 -9.94 21.49
C LYS D 195 2.53 -10.44 20.09
N LYS D 196 3.52 -10.36 19.18
CA LYS D 196 3.24 -10.68 17.78
C LYS D 196 3.05 -12.18 17.55
N THR D 197 3.78 -13.01 18.28
CA THR D 197 3.56 -14.45 18.11
C THR D 197 2.44 -14.98 19.01
N ASP D 198 1.68 -14.09 19.64
CA ASP D 198 0.55 -14.46 20.50
C ASP D 198 -0.78 -14.30 19.76
N ASN D 199 -1.75 -15.10 20.18
CA ASN D 199 -3.14 -14.90 19.77
C ASN D 199 -3.69 -13.63 20.40
N ALA D 200 -4.71 -13.06 19.77
CA ALA D 200 -5.35 -11.85 20.29
C ALA D 200 -6.17 -12.16 21.53
N LYS D 201 -6.11 -11.27 22.51
CA LYS D 201 -6.86 -11.46 23.74
C LYS D 201 -8.20 -10.74 23.75
N MET D 202 -8.19 -9.44 23.51
CA MET D 202 -9.38 -8.60 23.51
C MET D 202 -9.77 -8.27 22.08
N ILE D 203 -10.89 -7.54 21.93
CA ILE D 203 -11.31 -6.97 20.66
C ILE D 203 -12.00 -5.65 20.97
N LEU D 204 -12.01 -4.75 20.01
CA LEU D 204 -12.78 -3.52 20.05
C LEU D 204 -13.75 -3.54 18.88
N LEU D 205 -15.03 -3.25 19.14
CA LEU D 205 -16.03 -3.30 18.09
C LEU D 205 -16.90 -2.05 18.08
N ASP D 206 -17.16 -1.54 16.88
CA ASP D 206 -18.19 -0.55 16.61
C ASP D 206 -19.42 -1.23 16.07
N GLY D 207 -20.55 -0.53 16.18
CA GLY D 207 -21.76 -0.94 15.51
C GLY D 207 -22.54 0.32 15.21
N ILE D 208 -23.50 0.19 14.29
CA ILE D 208 -24.32 1.33 13.92
C ILE D 208 -25.77 0.88 14.01
N TYR D 209 -26.52 1.50 14.93
CA TYR D 209 -27.92 1.15 15.09
C TYR D 209 -28.69 1.44 13.81
N GLN D 210 -29.35 0.40 13.28
CA GLN D 210 -30.11 0.47 12.03
C GLN D 210 -29.28 1.08 10.89
N GLY D 211 -28.03 0.67 10.79
CA GLY D 211 -27.09 1.20 9.79
C GLY D 211 -27.04 0.37 8.53
N ASN D 212 -25.84 0.23 7.96
CA ASN D 212 -25.64 -0.50 6.71
C ASN D 212 -24.57 -1.57 6.86
N GLU D 213 -24.70 -2.64 6.09
CA GLU D 213 -23.78 -3.76 6.17
C GLU D 213 -22.39 -3.36 5.66
N GLY D 214 -21.37 -4.09 6.13
CA GLY D 214 -20.00 -3.83 5.71
C GLY D 214 -19.09 -3.39 6.85
N MET D 215 -18.00 -4.13 7.08
CA MET D 215 -17.12 -3.91 8.21
C MET D 215 -15.82 -3.24 7.76
N GLU D 216 -15.08 -2.73 8.74
CA GLU D 216 -13.77 -2.12 8.56
C GLU D 216 -12.88 -2.69 9.66
N ILE D 217 -11.84 -3.42 9.27
CA ILE D 217 -10.99 -4.08 10.24
C ILE D 217 -9.63 -3.39 10.26
N LEU D 218 -9.38 -2.70 11.35
CA LEU D 218 -8.24 -1.81 11.56
C LEU D 218 -7.00 -2.62 11.91
N PRO D 219 -5.81 -2.02 11.78
CA PRO D 219 -4.56 -2.74 12.06
C PRO D 219 -4.51 -3.28 13.48
N THR D 220 -3.93 -4.46 13.62
CA THR D 220 -3.89 -5.14 14.91
C THR D 220 -2.89 -4.46 15.83
N LEU D 221 -3.36 -4.02 17.00
CA LEU D 221 -2.50 -3.41 17.99
C LEU D 221 -1.79 -4.47 18.81
N ILE D 222 -0.46 -4.41 18.82
CA ILE D 222 0.37 -5.21 19.72
C ILE D 222 0.74 -4.32 20.91
N THR D 223 0.60 -4.85 22.13
CA THR D 223 0.78 -3.99 23.30
C THR D 223 2.24 -3.95 23.74
N HIS D 224 2.88 -5.11 23.84
CA HIS D 224 4.22 -5.23 24.40
C HIS D 224 5.18 -5.73 23.34
N ASN D 225 6.43 -5.27 23.43
CA ASN D 225 7.53 -5.88 22.71
C ASN D 225 7.96 -7.15 23.43
N ASP D 226 8.91 -7.88 22.83
CA ASP D 226 9.27 -9.19 23.36
C ASP D 226 9.81 -9.11 24.78
N ASP D 227 10.43 -7.99 25.16
CA ASP D 227 11.02 -7.84 26.49
C ASP D 227 10.12 -7.11 27.46
N GLU D 228 8.80 -7.13 27.24
CA GLU D 228 7.80 -6.46 28.07
C GLU D 228 7.97 -4.94 28.09
N THR D 229 8.58 -4.36 27.07
CA THR D 229 8.62 -2.91 26.89
C THR D 229 7.45 -2.48 26.01
N TYR D 230 6.64 -1.57 26.52
CA TYR D 230 5.44 -1.10 25.81
C TYR D 230 5.79 -0.64 24.40
N THR D 231 5.02 -1.10 23.41
CA THR D 231 5.22 -0.66 22.03
C THR D 231 4.79 0.78 21.86
N ASP D 232 5.57 1.54 21.10
CA ASP D 232 5.32 2.96 20.90
C ASP D 232 3.86 3.22 20.55
N GLU D 233 3.26 2.37 19.72
CA GLU D 233 1.86 2.56 19.35
C GLU D 233 0.95 2.54 20.57
N LEU D 234 1.22 1.65 21.53
CA LEU D 234 0.46 1.65 22.79
C LEU D 234 0.59 2.95 23.55
N LEU D 235 1.69 3.68 23.35
CA LEU D 235 1.93 4.86 24.17
C LEU D 235 1.18 6.09 23.68
N LYS D 236 0.84 6.13 22.38
CA LYS D 236 0.03 7.21 21.85
C LYS D 236 -1.28 7.34 22.62
N TYR D 237 -1.75 6.25 23.22
CA TYR D 237 -3.00 6.20 23.96
C TYR D 237 -2.80 6.46 25.45
N PHE D 238 -1.55 6.59 25.92
CA PHE D 238 -1.34 6.97 27.31
C PHE D 238 -1.45 8.47 27.56
N HIS D 239 -1.71 9.30 26.55
CA HIS D 239 -1.63 10.74 26.72
C HIS D 239 -2.45 11.44 25.63
N ASP D 240 -2.41 12.78 25.67
CA ASP D 240 -3.05 13.64 24.67
C ASP D 240 -2.12 13.90 23.49
#